data_2B4S
#
_entry.id   2B4S
#
_cell.length_a   87.472
_cell.length_b   88.165
_cell.length_c   178.040
_cell.angle_alpha   90.00
_cell.angle_beta   90.00
_cell.angle_gamma   90.00
#
_symmetry.space_group_name_H-M   'P 21 21 21'
#
loop_
_entity.id
_entity.type
_entity.pdbx_description
1 polymer 'Tyrosine-protein phosphatase, non-receptor type 1'
2 polymer 'Insulin receptor'
3 non-polymer 'SULFATE ION'
4 water water
#
loop_
_entity_poly.entity_id
_entity_poly.type
_entity_poly.pdbx_seq_one_letter_code
_entity_poly.pdbx_strand_id
1 'polypeptide(L)'
;MEMEKEFEQIDKSGSWAAIYQDIRHEASDFPCRVAKLPKNKNRNRYRDVSPFDHSRIKLHQEDNDYINASLIKMEEAQRS
YILTQGPLPNTCGHFWEMVWEQKSRGVVMLNRVMEKGSLKCAQYWPQKEEKEMIFEDTNLKLTLISEDIKSYYTVRQLEL
ENLTTQETREILHFHYTTWPDFGVPESPASFLNFLFKVRESGSLSPEHGPVVVHASAGIGRSGTFCLADTCLLLMDKRKD
PSSVDIKKVLLEMRKFRMGLIQTADQLRFSYLAVIEGAKFIMGDSSVQDQWKELSHED
;
A,C
2 'polypeptide(L)'
;VFPSSVYVPDEWEVSREKITLLRELGQGSFGMVYEGNARDIIKGEAETRVAVKTVNESASLRERIEFLNEASVMKGFTCH
HVVRLLGVVSKGQPTLVVMELMAHGDLKSYLRSLRPEAENNPGRPPPTLQEMIQMAAEIADGMAYLNAKKFVHRDLAARN
CMVAHDFTVKIGDFGMTRDI(PTR)ETD(PTR)(PTR)RKGGKGLLPVRWMAPESLKDGVFTTSSDMWSFGVVLWEITSL
AEQPYQGLSNEQVLKFVMDGGYLDQPDNCPERVTDLMRMCWQFNPNMRPTFLEIVNLLKDDLHPSFPEVSFFHSEENK
;
B,D
#
loop_
_chem_comp.id
_chem_comp.type
_chem_comp.name
_chem_comp.formula
SO4 non-polymer 'SULFATE ION' 'O4 S -2'
#
# COMPACT_ATOMS: atom_id res chain seq x y z
N GLU A 2 20.31 -23.22 44.00
CA GLU A 2 20.28 -21.95 43.19
C GLU A 2 19.12 -22.00 42.20
N MET A 3 18.10 -21.19 42.49
CA MET A 3 16.89 -21.11 41.67
C MET A 3 17.09 -21.02 40.16
N GLU A 4 17.91 -20.07 39.72
CA GLU A 4 18.14 -19.90 38.29
C GLU A 4 18.77 -21.10 37.60
N LYS A 5 19.80 -21.68 38.21
CA LYS A 5 20.44 -22.85 37.61
C LYS A 5 19.45 -24.00 37.63
N GLU A 6 18.61 -24.05 38.66
CA GLU A 6 17.62 -25.11 38.76
C GLU A 6 16.67 -24.98 37.58
N PHE A 7 16.30 -23.75 37.27
CA PHE A 7 15.38 -23.47 36.16
C PHE A 7 15.97 -23.97 34.84
N GLU A 8 17.20 -23.57 34.55
CA GLU A 8 17.85 -23.96 33.31
C GLU A 8 18.03 -25.47 33.20
N GLN A 9 18.27 -26.13 34.32
CA GLN A 9 18.45 -27.57 34.34
C GLN A 9 17.15 -28.27 34.02
N ILE A 10 16.06 -27.75 34.57
CA ILE A 10 14.73 -28.32 34.33
C ILE A 10 14.33 -28.13 32.87
N ASP A 11 14.59 -26.95 32.35
CA ASP A 11 14.29 -26.62 30.97
C ASP A 11 15.08 -27.52 30.05
N LYS A 12 16.38 -27.62 30.30
CA LYS A 12 17.27 -28.45 29.49
C LYS A 12 16.88 -29.92 29.45
N SER A 13 16.49 -30.46 30.59
CA SER A 13 16.10 -31.87 30.66
C SER A 13 14.62 -32.07 30.34
N GLY A 14 13.88 -30.98 30.19
CA GLY A 14 12.46 -31.07 29.90
C GLY A 14 11.73 -31.78 31.02
N SER A 15 11.98 -31.34 32.25
CA SER A 15 11.40 -31.95 33.44
C SER A 15 10.17 -31.29 34.07
N TRP A 16 9.74 -30.15 33.55
CA TRP A 16 8.61 -29.43 34.14
C TRP A 16 7.41 -30.28 34.50
N ALA A 17 6.98 -31.13 33.57
CA ALA A 17 5.83 -31.98 33.82
C ALA A 17 6.11 -32.93 34.96
N ALA A 18 7.34 -33.44 35.01
CA ALA A 18 7.76 -34.38 36.03
C ALA A 18 7.79 -33.73 37.40
N ILE A 19 8.37 -32.54 37.47
CA ILE A 19 8.45 -31.80 38.72
C ILE A 19 7.05 -31.49 39.24
N TYR A 20 6.18 -31.03 38.34
CA TYR A 20 4.82 -30.67 38.71
C TYR A 20 4.08 -31.89 39.23
N GLN A 21 4.35 -33.03 38.60
CA GLN A 21 3.73 -34.29 39.00
C GLN A 21 4.14 -34.63 40.44
N ASP A 22 5.41 -34.47 40.76
CA ASP A 22 5.90 -34.76 42.10
C ASP A 22 5.19 -33.88 43.11
N ILE A 23 5.10 -32.59 42.80
CA ILE A 23 4.45 -31.63 43.69
C ILE A 23 3.03 -32.06 44.00
N ARG A 24 2.30 -32.51 42.99
CA ARG A 24 0.93 -32.97 43.19
C ARG A 24 0.91 -34.22 44.07
N HIS A 25 1.81 -35.15 43.79
CA HIS A 25 1.88 -36.38 44.58
C HIS A 25 2.31 -36.10 46.03
N GLU A 26 3.13 -35.09 46.24
CA GLU A 26 3.59 -34.77 47.59
C GLU A 26 2.70 -33.75 48.31
N ALA A 27 1.73 -33.17 47.60
CA ALA A 27 0.84 -32.16 48.19
C ALA A 27 -0.01 -32.64 49.39
N SER A 28 -0.26 -31.73 50.32
CA SER A 28 -1.04 -32.04 51.51
C SER A 28 -2.47 -32.44 51.18
N ASP A 29 -3.02 -33.33 51.99
CA ASP A 29 -4.39 -33.78 51.82
C ASP A 29 -5.11 -33.69 53.15
N PHE A 30 -6.07 -32.78 53.24
CA PHE A 30 -6.84 -32.57 54.46
C PHE A 30 -8.34 -32.66 54.20
N PRO A 31 -9.14 -32.86 55.25
CA PRO A 31 -10.59 -32.97 55.13
C PRO A 31 -11.26 -31.66 54.69
N CYS A 32 -12.34 -31.80 53.93
CA CYS A 32 -13.14 -30.67 53.45
C CYS A 32 -14.60 -30.99 53.75
N ARG A 33 -14.85 -31.47 54.97
CA ARG A 33 -16.19 -31.88 55.40
C ARG A 33 -17.28 -30.82 55.25
N VAL A 34 -17.03 -29.62 55.77
CA VAL A 34 -18.01 -28.56 55.70
C VAL A 34 -18.35 -28.21 54.25
N ALA A 35 -17.33 -28.05 53.41
CA ALA A 35 -17.54 -27.72 52.01
C ALA A 35 -18.39 -28.79 51.32
N LYS A 36 -18.28 -30.02 51.81
CA LYS A 36 -19.04 -31.11 51.24
C LYS A 36 -20.41 -31.32 51.87
N LEU A 37 -20.81 -30.44 52.78
CA LEU A 37 -22.13 -30.58 53.40
C LEU A 37 -23.21 -30.24 52.37
N PRO A 38 -24.35 -30.95 52.43
CA PRO A 38 -25.46 -30.74 51.51
C PRO A 38 -25.94 -29.30 51.43
N LYS A 39 -26.06 -28.65 52.59
CA LYS A 39 -26.53 -27.26 52.64
C LYS A 39 -25.56 -26.30 51.96
N ASN A 40 -24.35 -26.76 51.65
CA ASN A 40 -23.36 -25.90 51.01
C ASN A 40 -23.15 -26.19 49.53
N LYS A 41 -23.97 -27.07 48.97
CA LYS A 41 -23.84 -27.41 47.55
C LYS A 41 -23.87 -26.20 46.64
N ASN A 42 -24.77 -25.26 46.92
CA ASN A 42 -24.90 -24.06 46.09
C ASN A 42 -23.91 -22.95 46.42
N ARG A 43 -23.01 -23.19 47.37
CA ARG A 43 -22.02 -22.18 47.72
C ARG A 43 -20.67 -22.49 47.09
N ASN A 44 -20.62 -23.57 46.32
CA ASN A 44 -19.41 -23.98 45.65
C ASN A 44 -19.56 -23.91 44.13
N ARG A 45 -18.62 -23.23 43.48
CA ARG A 45 -18.63 -23.09 42.03
C ARG A 45 -18.20 -24.38 41.32
N TYR A 46 -17.31 -25.14 41.96
CA TYR A 46 -16.80 -26.40 41.40
C TYR A 46 -16.82 -27.47 42.47
N ARG A 47 -17.34 -28.65 42.12
CA ARG A 47 -17.39 -29.75 43.06
C ARG A 47 -16.00 -30.24 43.45
N ASP A 48 -15.02 -30.01 42.56
CA ASP A 48 -13.65 -30.46 42.80
C ASP A 48 -12.72 -29.44 43.45
N VAL A 49 -13.26 -28.28 43.85
CA VAL A 49 -12.42 -27.27 44.49
C VAL A 49 -13.08 -26.86 45.81
N SER A 50 -12.45 -27.26 46.91
CA SER A 50 -12.97 -26.98 48.23
C SER A 50 -11.89 -26.54 49.18
N PRO A 51 -12.25 -25.72 50.17
CA PRO A 51 -11.28 -25.25 51.16
C PRO A 51 -11.18 -26.27 52.28
N PHE A 52 -9.95 -26.53 52.74
CA PHE A 52 -9.75 -27.47 53.84
C PHE A 52 -10.50 -26.93 55.05
N ASP A 53 -10.98 -27.83 55.90
CA ASP A 53 -11.70 -27.40 57.10
C ASP A 53 -10.81 -26.60 58.04
N HIS A 54 -9.54 -26.97 58.18
CA HIS A 54 -8.67 -26.26 59.12
C HIS A 54 -8.28 -24.83 58.76
N SER A 55 -8.30 -24.51 57.48
CA SER A 55 -7.92 -23.17 57.05
C SER A 55 -9.02 -22.38 56.34
N ARG A 56 -10.25 -22.90 56.36
CA ARG A 56 -11.34 -22.19 55.68
C ARG A 56 -11.72 -20.91 56.43
N ILE A 57 -12.23 -19.94 55.69
CA ILE A 57 -12.65 -18.68 56.30
C ILE A 57 -14.05 -18.88 56.85
N LYS A 58 -14.24 -18.56 58.12
CA LYS A 58 -15.54 -18.71 58.73
C LYS A 58 -16.26 -17.37 58.81
N LEU A 59 -17.42 -17.27 58.19
CA LEU A 59 -18.21 -16.05 58.24
C LEU A 59 -18.73 -15.94 59.68
N HIS A 60 -18.84 -14.72 60.19
CA HIS A 60 -19.31 -14.51 61.56
C HIS A 60 -20.84 -14.35 61.57
N GLN A 61 -21.53 -15.45 61.37
CA GLN A 61 -22.99 -15.47 61.37
C GLN A 61 -23.41 -16.88 61.80
N GLU A 62 -24.50 -16.97 62.56
CA GLU A 62 -24.99 -18.25 63.05
C GLU A 62 -25.76 -19.04 62.00
N ASP A 63 -26.29 -18.34 61.00
CA ASP A 63 -27.06 -19.02 59.95
C ASP A 63 -26.22 -20.12 59.31
N ASN A 64 -25.29 -19.72 58.46
CA ASN A 64 -24.40 -20.65 57.79
C ASN A 64 -23.10 -19.89 57.62
N ASP A 65 -22.05 -20.34 58.30
CA ASP A 65 -20.77 -19.66 58.25
C ASP A 65 -19.86 -20.05 57.10
N TYR A 66 -20.38 -20.81 56.15
CA TYR A 66 -19.55 -21.28 55.04
C TYR A 66 -19.39 -20.43 53.78
N ILE A 67 -18.15 -20.39 53.31
CA ILE A 67 -17.79 -19.71 52.08
C ILE A 67 -16.56 -20.45 51.54
N ASN A 68 -16.50 -20.62 50.22
CA ASN A 68 -15.35 -21.30 49.62
C ASN A 68 -14.21 -20.29 49.55
N ALA A 69 -13.48 -20.19 50.66
CA ALA A 69 -12.34 -19.29 50.79
C ALA A 69 -11.35 -19.88 51.80
N SER A 70 -10.06 -19.74 51.51
CA SER A 70 -9.01 -20.28 52.38
C SER A 70 -8.01 -19.23 52.82
N LEU A 71 -7.58 -19.31 54.07
CA LEU A 71 -6.58 -18.38 54.58
C LEU A 71 -5.23 -19.06 54.41
N ILE A 72 -4.32 -18.40 53.69
CA ILE A 72 -3.00 -18.94 53.46
C ILE A 72 -2.03 -18.07 54.24
N LYS A 73 -1.60 -18.57 55.39
CA LYS A 73 -0.68 -17.82 56.23
C LYS A 73 0.74 -18.31 56.01
N MET A 74 1.60 -17.42 55.54
CA MET A 74 3.01 -17.75 55.29
C MET A 74 3.85 -17.11 56.39
N GLU A 75 4.15 -17.89 57.42
CA GLU A 75 4.92 -17.42 58.56
C GLU A 75 6.25 -16.77 58.22
N GLU A 76 7.14 -17.52 57.57
CA GLU A 76 8.44 -16.98 57.22
C GLU A 76 8.38 -15.72 56.35
N ALA A 77 7.41 -15.66 55.44
CA ALA A 77 7.27 -14.50 54.56
C ALA A 77 6.57 -13.37 55.28
N GLN A 78 5.83 -13.70 56.33
CA GLN A 78 5.09 -12.73 57.11
C GLN A 78 3.99 -12.06 56.29
N ARG A 79 3.29 -12.86 55.51
CA ARG A 79 2.21 -12.35 54.69
C ARG A 79 1.12 -13.41 54.64
N SER A 80 -0.12 -12.98 54.69
CA SER A 80 -1.23 -13.90 54.61
C SER A 80 -2.05 -13.49 53.41
N TYR A 81 -2.70 -14.47 52.79
CA TYR A 81 -3.55 -14.21 51.65
C TYR A 81 -4.81 -15.04 51.82
N ILE A 82 -5.87 -14.58 51.18
CA ILE A 82 -7.11 -15.31 51.21
C ILE A 82 -7.41 -15.64 49.75
N LEU A 83 -7.55 -16.93 49.47
CA LEU A 83 -7.84 -17.39 48.13
C LEU A 83 -9.28 -17.88 48.12
N THR A 84 -10.03 -17.44 47.13
CA THR A 84 -11.42 -17.82 47.01
C THR A 84 -11.85 -17.96 45.55
N GLN A 85 -12.99 -18.59 45.34
CA GLN A 85 -13.55 -18.79 44.01
C GLN A 85 -14.23 -17.50 43.59
N GLY A 86 -14.52 -17.38 42.30
CA GLY A 86 -15.22 -16.19 41.82
C GLY A 86 -16.58 -16.28 42.46
N PRO A 87 -17.00 -15.26 43.21
CA PRO A 87 -18.32 -15.35 43.83
C PRO A 87 -19.48 -15.65 42.87
N LEU A 88 -20.46 -16.36 43.42
CA LEU A 88 -21.67 -16.76 42.70
C LEU A 88 -22.73 -15.72 42.97
N PRO A 89 -23.82 -15.73 42.18
CA PRO A 89 -24.89 -14.75 42.38
C PRO A 89 -25.38 -14.73 43.81
N ASN A 90 -25.52 -15.91 44.40
CA ASN A 90 -26.00 -16.05 45.77
C ASN A 90 -24.91 -15.94 46.84
N THR A 91 -23.66 -15.69 46.45
CA THR A 91 -22.60 -15.56 47.47
C THR A 91 -21.87 -14.21 47.46
N CYS A 92 -22.40 -13.23 46.73
CA CYS A 92 -21.78 -11.90 46.70
C CYS A 92 -21.82 -11.20 48.07
N GLY A 93 -22.90 -11.44 48.83
CA GLY A 93 -23.00 -10.85 50.14
C GLY A 93 -21.98 -11.47 51.08
N HIS A 94 -21.78 -12.78 50.95
CA HIS A 94 -20.83 -13.51 51.79
C HIS A 94 -19.43 -13.03 51.51
N PHE A 95 -19.12 -12.84 50.23
CA PHE A 95 -17.80 -12.38 49.79
C PHE A 95 -17.43 -11.10 50.52
N TRP A 96 -18.34 -10.13 50.55
CA TRP A 96 -18.07 -8.86 51.22
C TRP A 96 -18.07 -8.97 52.74
N GLU A 97 -18.90 -9.85 53.28
CA GLU A 97 -18.92 -10.04 54.71
C GLU A 97 -17.51 -10.51 55.08
N MET A 98 -16.98 -11.47 54.32
CA MET A 98 -15.62 -11.97 54.56
C MET A 98 -14.63 -10.80 54.53
N VAL A 99 -14.70 -10.02 53.45
CA VAL A 99 -13.83 -8.85 53.31
C VAL A 99 -13.93 -7.98 54.55
N TRP A 100 -15.15 -7.69 54.99
CA TRP A 100 -15.31 -6.85 56.16
C TRP A 100 -14.73 -7.52 57.42
N GLU A 101 -15.20 -8.72 57.70
CA GLU A 101 -14.76 -9.44 58.90
C GLU A 101 -13.27 -9.73 59.02
N GLN A 102 -12.57 -9.91 57.90
CA GLN A 102 -11.15 -10.20 57.94
C GLN A 102 -10.31 -8.93 57.83
N LYS A 103 -11.01 -7.80 57.69
CA LYS A 103 -10.37 -6.49 57.63
C LYS A 103 -9.46 -6.28 56.43
N SER A 104 -9.78 -6.92 55.32
CA SER A 104 -9.00 -6.80 54.10
C SER A 104 -9.12 -5.38 53.52
N ARG A 105 -8.07 -4.91 52.85
CA ARG A 105 -8.10 -3.59 52.22
C ARG A 105 -8.08 -3.69 50.70
N GLY A 106 -7.65 -4.84 50.20
CA GLY A 106 -7.58 -5.06 48.77
C GLY A 106 -8.10 -6.39 48.26
N VAL A 107 -8.56 -6.36 47.01
CA VAL A 107 -9.07 -7.55 46.35
C VAL A 107 -8.36 -7.64 45.01
N VAL A 108 -7.87 -8.82 44.67
CA VAL A 108 -7.19 -9.02 43.41
C VAL A 108 -8.02 -9.99 42.60
N MET A 109 -8.44 -9.54 41.41
CA MET A 109 -9.25 -10.35 40.51
C MET A 109 -8.46 -10.67 39.25
N LEU A 110 -8.49 -11.93 38.82
CA LEU A 110 -7.74 -12.34 37.65
C LEU A 110 -8.58 -12.94 36.52
N ASN A 111 -9.89 -12.71 36.53
CA ASN A 111 -10.76 -13.23 35.49
C ASN A 111 -10.47 -12.54 34.15
N ARG A 112 -10.50 -13.30 33.06
CA ARG A 112 -10.22 -12.74 31.74
C ARG A 112 -11.43 -12.09 31.10
N VAL A 113 -11.33 -10.79 30.81
CA VAL A 113 -12.42 -10.04 30.19
C VAL A 113 -12.43 -10.26 28.67
N MET A 114 -13.45 -10.96 28.18
CA MET A 114 -13.59 -11.24 26.76
C MET A 114 -14.71 -10.40 26.15
N GLY A 117 -18.45 -11.93 25.63
CA GLY A 117 -18.00 -13.03 26.46
C GLY A 117 -18.47 -12.89 27.89
N SER A 118 -18.24 -13.92 28.70
CA SER A 118 -18.67 -13.86 30.09
C SER A 118 -17.69 -14.47 31.08
N LEU A 119 -17.50 -13.76 32.20
CA LEU A 119 -16.60 -14.15 33.25
C LEU A 119 -17.18 -15.25 34.16
N LYS A 120 -16.31 -16.13 34.64
CA LYS A 120 -16.74 -17.18 35.56
C LYS A 120 -16.65 -16.52 36.92
N CYS A 121 -17.52 -15.53 37.11
CA CYS A 121 -17.57 -14.74 38.33
C CYS A 121 -18.80 -13.86 38.19
N ALA A 122 -19.60 -13.77 39.25
CA ALA A 122 -20.79 -12.90 39.21
C ALA A 122 -20.31 -11.45 39.36
N GLN A 123 -21.15 -10.51 38.94
CA GLN A 123 -20.84 -9.08 39.04
C GLN A 123 -21.07 -8.64 40.49
N TYR A 124 -20.03 -8.73 41.32
CA TYR A 124 -20.17 -8.39 42.74
C TYR A 124 -19.83 -6.96 43.18
N TRP A 125 -19.49 -6.09 42.24
CA TRP A 125 -19.16 -4.71 42.56
C TRP A 125 -19.94 -3.80 41.61
N PRO A 126 -20.18 -2.53 42.01
CA PRO A 126 -20.93 -1.61 41.15
C PRO A 126 -20.26 -1.15 39.86
N GLN A 127 -21.04 -1.03 38.80
CA GLN A 127 -20.54 -0.60 37.50
C GLN A 127 -20.52 0.93 37.39
N LYS A 128 -21.42 1.58 38.14
CA LYS A 128 -21.53 3.05 38.13
C LYS A 128 -21.48 3.66 39.54
N GLU A 129 -20.84 4.81 39.67
CA GLU A 129 -20.73 5.50 40.95
C GLU A 129 -22.11 5.76 41.51
N GLU A 130 -23.03 6.18 40.64
CA GLU A 130 -24.41 6.48 41.04
C GLU A 130 -25.28 5.27 41.37
N LYS A 131 -24.84 4.07 41.02
CA LYS A 131 -25.61 2.87 41.29
C LYS A 131 -24.93 1.99 42.32
N GLU A 132 -25.01 2.36 43.59
CA GLU A 132 -24.38 1.58 44.65
C GLU A 132 -25.07 0.24 44.83
N MET A 133 -24.39 -0.69 45.48
CA MET A 133 -24.95 -2.01 45.70
C MET A 133 -25.21 -2.26 47.16
N ILE A 134 -26.37 -2.85 47.45
CA ILE A 134 -26.72 -3.17 48.83
C ILE A 134 -26.94 -4.68 48.91
N PHE A 135 -26.21 -5.33 49.81
CA PHE A 135 -26.36 -6.77 50.02
C PHE A 135 -27.19 -6.90 51.28
N GLU A 136 -28.49 -7.04 51.09
CA GLU A 136 -29.43 -7.13 52.19
C GLU A 136 -29.18 -8.31 53.13
N ASP A 137 -28.72 -9.43 52.59
CA ASP A 137 -28.48 -10.60 53.41
C ASP A 137 -27.40 -10.39 54.47
N THR A 138 -26.37 -9.60 54.15
CA THR A 138 -25.29 -9.37 55.12
C THR A 138 -25.18 -7.93 55.60
N ASN A 139 -26.19 -7.13 55.28
CA ASN A 139 -26.25 -5.74 55.71
C ASN A 139 -25.03 -4.90 55.34
N LEU A 140 -24.72 -4.87 54.04
CA LEU A 140 -23.57 -4.13 53.57
C LEU A 140 -23.91 -3.32 52.34
N LYS A 141 -23.27 -2.16 52.25
CA LYS A 141 -23.44 -1.24 51.13
C LYS A 141 -22.07 -1.08 50.50
N LEU A 142 -22.03 -1.05 49.18
CA LEU A 142 -20.78 -0.91 48.44
C LEU A 142 -20.97 0.15 47.35
N THR A 143 -20.03 1.09 47.28
CA THR A 143 -20.12 2.16 46.31
C THR A 143 -18.81 2.32 45.56
N LEU A 144 -18.91 2.54 44.25
CA LEU A 144 -17.72 2.75 43.43
C LEU A 144 -17.35 4.21 43.65
N ILE A 145 -16.12 4.47 44.08
CA ILE A 145 -15.66 5.83 44.32
C ILE A 145 -14.92 6.38 43.10
N SER A 146 -14.14 5.52 42.45
CA SER A 146 -13.41 5.90 41.24
C SER A 146 -12.92 4.63 40.57
N GLU A 147 -12.60 4.74 39.29
CA GLU A 147 -12.15 3.60 38.52
C GLU A 147 -11.17 4.04 37.44
N ASP A 148 -10.02 3.37 37.39
CA ASP A 148 -8.98 3.69 36.40
C ASP A 148 -8.74 2.49 35.47
N ILE A 149 -9.30 2.54 34.27
CA ILE A 149 -9.13 1.45 33.31
C ILE A 149 -7.84 1.62 32.51
N LYS A 150 -6.98 0.60 32.55
CA LYS A 150 -5.73 0.67 31.82
C LYS A 150 -5.66 -0.48 30.82
N SER A 151 -4.53 -0.62 30.13
CA SER A 151 -4.41 -1.66 29.12
C SER A 151 -4.74 -3.09 29.53
N TYR A 152 -4.03 -3.65 30.50
CA TYR A 152 -4.33 -5.02 30.88
C TYR A 152 -4.85 -5.23 32.29
N TYR A 153 -5.16 -4.12 32.96
CA TYR A 153 -5.71 -4.21 34.30
C TYR A 153 -6.49 -2.93 34.59
N THR A 154 -7.35 -2.99 35.60
CA THR A 154 -8.16 -1.88 35.99
C THR A 154 -8.13 -1.75 37.50
N VAL A 155 -8.01 -0.53 38.00
CA VAL A 155 -7.96 -0.29 39.44
C VAL A 155 -9.19 0.49 39.87
N ARG A 156 -9.95 -0.07 40.80
CA ARG A 156 -11.14 0.60 41.30
C ARG A 156 -11.04 0.91 42.78
N GLN A 157 -11.60 2.04 43.17
CA GLN A 157 -11.62 2.42 44.57
C GLN A 157 -13.07 2.20 45.00
N LEU A 158 -13.28 1.49 46.09
CA LEU A 158 -14.64 1.21 46.55
C LEU A 158 -14.82 1.54 48.03
N GLU A 159 -16.00 2.02 48.38
CA GLU A 159 -16.29 2.30 49.79
C GLU A 159 -17.27 1.22 50.26
N LEU A 160 -16.84 0.45 51.25
CA LEU A 160 -17.66 -0.61 51.81
C LEU A 160 -18.21 -0.11 53.14
N GLU A 161 -19.52 -0.15 53.30
CA GLU A 161 -20.11 0.29 54.55
C GLU A 161 -20.90 -0.80 55.24
N ASN A 162 -20.55 -1.07 56.49
CA ASN A 162 -21.24 -2.04 57.33
C ASN A 162 -22.48 -1.27 57.79
N LEU A 163 -23.63 -1.56 57.20
CA LEU A 163 -24.86 -0.85 57.56
C LEU A 163 -25.29 -1.01 59.02
N THR A 164 -24.73 -1.99 59.71
CA THR A 164 -25.11 -2.22 61.10
C THR A 164 -24.41 -1.25 62.05
N THR A 165 -23.14 -0.95 61.77
CA THR A 165 -22.37 -0.05 62.61
C THR A 165 -22.11 1.31 61.96
N GLN A 166 -22.49 1.43 60.70
CA GLN A 166 -22.30 2.65 59.92
C GLN A 166 -20.83 2.98 59.71
N GLU A 167 -19.96 2.01 59.97
CA GLU A 167 -18.53 2.19 59.76
C GLU A 167 -18.25 2.00 58.26
N THR A 168 -17.23 2.68 57.74
CA THR A 168 -16.88 2.54 56.34
C THR A 168 -15.39 2.26 56.15
N ARG A 169 -15.07 1.58 55.06
CA ARG A 169 -13.68 1.29 54.73
C ARG A 169 -13.48 1.43 53.24
N GLU A 170 -12.28 1.82 52.87
CA GLU A 170 -11.91 1.96 51.47
C GLU A 170 -11.28 0.64 51.04
N ILE A 171 -11.76 0.10 49.93
CA ILE A 171 -11.23 -1.15 49.40
C ILE A 171 -10.68 -0.88 48.01
N LEU A 172 -9.44 -1.27 47.79
CA LEU A 172 -8.83 -1.10 46.49
C LEU A 172 -9.01 -2.43 45.76
N HIS A 173 -9.58 -2.36 44.57
CA HIS A 173 -9.85 -3.55 43.76
C HIS A 173 -8.99 -3.52 42.50
N PHE A 174 -8.14 -4.53 42.35
CA PHE A 174 -7.25 -4.66 41.20
C PHE A 174 -7.68 -5.82 40.33
N HIS A 175 -8.01 -5.54 39.08
CA HIS A 175 -8.44 -6.59 38.17
C HIS A 175 -7.51 -6.74 36.97
N TYR A 176 -6.80 -7.86 36.91
CA TYR A 176 -5.90 -8.17 35.81
C TYR A 176 -6.83 -8.81 34.80
N THR A 177 -6.96 -8.19 33.63
CA THR A 177 -7.90 -8.65 32.60
C THR A 177 -7.41 -9.51 31.44
N THR A 178 -6.11 -9.76 31.33
CA THR A 178 -5.60 -10.54 30.21
C THR A 178 -4.92 -11.84 30.61
N TRP A 179 -5.52 -12.55 31.57
CA TRP A 179 -4.95 -13.82 32.05
C TRP A 179 -6.00 -14.92 31.86
N PRO A 180 -5.84 -15.74 30.82
CA PRO A 180 -6.79 -16.82 30.55
C PRO A 180 -6.81 -17.92 31.60
N ASP A 181 -7.99 -18.47 31.83
CA ASP A 181 -8.14 -19.54 32.79
C ASP A 181 -7.24 -20.69 32.32
N PHE A 182 -6.56 -21.32 33.28
CA PHE A 182 -5.64 -22.42 32.98
C PHE A 182 -4.41 -21.96 32.21
N GLY A 183 -4.29 -20.65 31.99
CA GLY A 183 -3.15 -20.15 31.24
C GLY A 183 -2.15 -19.35 32.06
N VAL A 184 -1.36 -18.53 31.36
CA VAL A 184 -0.35 -17.69 31.97
C VAL A 184 -0.44 -16.27 31.45
N PRO A 185 0.16 -15.30 32.16
CA PRO A 185 0.14 -13.89 31.77
C PRO A 185 0.78 -13.63 30.41
N GLU A 186 0.39 -12.53 29.77
CA GLU A 186 0.94 -12.17 28.46
C GLU A 186 2.46 -12.18 28.50
N SER A 187 3.04 -11.83 29.64
CA SER A 187 4.49 -11.81 29.79
C SER A 187 4.82 -11.66 31.26
N PRO A 188 6.03 -12.09 31.66
CA PRO A 188 6.47 -11.99 33.06
C PRO A 188 6.45 -10.52 33.50
N ALA A 189 6.90 -9.63 32.62
CA ALA A 189 6.95 -8.20 32.91
C ALA A 189 5.58 -7.57 33.21
N SER A 190 4.58 -7.85 32.39
CA SER A 190 3.27 -7.26 32.65
C SER A 190 2.75 -7.82 33.97
N PHE A 191 3.00 -9.11 34.21
CA PHE A 191 2.56 -9.73 35.46
C PHE A 191 3.23 -9.03 36.65
N LEU A 192 4.54 -8.82 36.55
CA LEU A 192 5.28 -8.16 37.62
C LEU A 192 4.85 -6.71 37.78
N ASN A 193 4.51 -6.06 36.68
CA ASN A 193 4.05 -4.68 36.77
C ASN A 193 2.76 -4.68 37.59
N PHE A 194 1.88 -5.65 37.34
CA PHE A 194 0.63 -5.72 38.09
C PHE A 194 0.91 -5.99 39.58
N LEU A 195 1.75 -6.98 39.87
CA LEU A 195 2.10 -7.32 41.25
C LEU A 195 2.63 -6.10 42.01
N PHE A 196 3.50 -5.32 41.36
CA PHE A 196 4.07 -4.14 41.99
C PHE A 196 3.03 -3.06 42.20
N LYS A 197 2.08 -2.91 41.28
CA LYS A 197 1.04 -1.91 41.46
C LYS A 197 0.21 -2.25 42.71
N VAL A 198 -0.05 -3.54 42.92
CA VAL A 198 -0.80 -3.99 44.08
C VAL A 198 -0.01 -3.73 45.36
N ARG A 199 1.29 -3.98 45.33
CA ARG A 199 2.14 -3.76 46.48
C ARG A 199 2.21 -2.27 46.83
N GLU A 200 2.32 -1.44 45.79
CA GLU A 200 2.37 0.01 45.91
C GLU A 200 1.17 0.58 46.65
N SER A 201 0.00 0.00 46.41
CA SER A 201 -1.23 0.48 47.03
C SER A 201 -1.24 0.29 48.53
N GLY A 202 -0.46 -0.66 49.03
CA GLY A 202 -0.41 -0.91 50.45
C GLY A 202 -1.46 -1.93 50.85
N SER A 203 -2.06 -2.57 49.86
CA SER A 203 -3.09 -3.56 50.12
C SER A 203 -2.55 -4.84 50.72
N LEU A 204 -1.24 -5.07 50.59
CA LEU A 204 -0.61 -6.28 51.11
C LEU A 204 0.11 -6.04 52.45
N SER A 205 0.00 -4.83 52.98
CA SER A 205 0.66 -4.47 54.23
C SER A 205 0.17 -5.24 55.46
N PRO A 206 1.08 -5.56 56.39
CA PRO A 206 0.79 -6.29 57.64
C PRO A 206 -0.23 -5.55 58.50
N GLU A 207 -0.38 -4.26 58.24
CA GLU A 207 -1.32 -3.43 58.99
C GLU A 207 -2.77 -3.81 58.70
N HIS A 208 -3.02 -4.37 57.52
CA HIS A 208 -4.38 -4.75 57.16
C HIS A 208 -4.61 -6.26 57.22
N GLY A 209 -5.86 -6.65 57.00
CA GLY A 209 -6.19 -8.06 56.97
C GLY A 209 -5.61 -8.63 55.68
N PRO A 210 -5.72 -9.95 55.45
CA PRO A 210 -5.18 -10.59 54.24
C PRO A 210 -5.81 -10.06 52.97
N VAL A 211 -5.02 -9.93 51.92
CA VAL A 211 -5.57 -9.48 50.64
C VAL A 211 -6.40 -10.63 50.11
N VAL A 212 -7.52 -10.32 49.47
CA VAL A 212 -8.35 -11.38 48.91
C VAL A 212 -8.02 -11.54 47.43
N VAL A 213 -7.69 -12.76 47.03
CA VAL A 213 -7.33 -13.07 45.66
C VAL A 213 -8.26 -14.13 45.08
N HIS A 214 -8.75 -13.89 43.87
CA HIS A 214 -9.64 -14.85 43.22
C HIS A 214 -9.62 -14.70 41.70
N ALA A 215 -10.27 -15.65 41.06
CA ALA A 215 -10.44 -15.68 39.61
C ALA A 215 -11.73 -16.49 39.48
N SER A 216 -11.63 -17.71 38.97
CA SER A 216 -12.81 -18.56 38.85
C SER A 216 -12.82 -19.62 39.95
N ALA A 217 -11.76 -20.41 40.04
CA ALA A 217 -11.67 -21.45 41.05
C ALA A 217 -10.84 -20.96 42.24
N GLY A 218 -9.90 -20.06 41.95
CA GLY A 218 -9.06 -19.53 43.00
C GLY A 218 -7.91 -20.43 43.39
N ILE A 219 -7.32 -21.13 42.42
CA ILE A 219 -6.18 -22.00 42.72
C ILE A 219 -5.08 -21.90 41.67
N GLY A 220 -5.46 -21.79 40.39
CA GLY A 220 -4.48 -21.69 39.32
C GLY A 220 -3.77 -20.34 39.19
N ARG A 221 -4.49 -19.36 38.65
CA ARG A 221 -3.96 -18.00 38.49
C ARG A 221 -3.79 -17.33 39.86
N SER A 222 -4.72 -17.61 40.76
CA SER A 222 -4.71 -17.04 42.10
C SER A 222 -3.50 -17.57 42.89
N GLY A 223 -3.15 -18.82 42.61
CA GLY A 223 -2.01 -19.42 43.29
C GLY A 223 -0.69 -18.91 42.72
N THR A 224 -0.66 -18.66 41.41
CA THR A 224 0.54 -18.16 40.78
C THR A 224 0.88 -16.79 41.35
N PHE A 225 -0.13 -15.94 41.46
CA PHE A 225 0.03 -14.61 41.97
C PHE A 225 0.67 -14.62 43.36
N CYS A 226 0.10 -15.43 44.26
CA CYS A 226 0.59 -15.51 45.63
C CYS A 226 1.94 -16.19 45.78
N LEU A 227 2.19 -17.23 45.00
CA LEU A 227 3.48 -17.92 45.07
C LEU A 227 4.58 -16.94 44.70
N ALA A 228 4.40 -16.25 43.58
CA ALA A 228 5.39 -15.29 43.10
C ALA A 228 5.65 -14.19 44.11
N ASP A 229 4.59 -13.66 44.74
CA ASP A 229 4.74 -12.61 45.71
C ASP A 229 5.50 -13.08 46.96
N THR A 230 5.17 -14.28 47.43
CA THR A 230 5.82 -14.84 48.59
C THR A 230 7.30 -15.14 48.35
N CYS A 231 7.61 -15.72 47.20
CA CYS A 231 8.99 -16.03 46.87
C CYS A 231 9.82 -14.75 46.75
N LEU A 232 9.19 -13.67 46.31
CA LEU A 232 9.94 -12.43 46.20
C LEU A 232 10.19 -11.85 47.58
N LEU A 233 9.24 -12.04 48.49
CA LEU A 233 9.39 -11.55 49.85
C LEU A 233 10.55 -12.30 50.51
N LEU A 234 10.49 -13.63 50.44
CA LEU A 234 11.51 -14.49 51.04
C LEU A 234 12.91 -14.20 50.49
N MET A 235 13.00 -13.98 49.18
CA MET A 235 14.28 -13.69 48.58
C MET A 235 14.82 -12.35 49.04
N ASP A 236 13.91 -11.41 49.30
CA ASP A 236 14.32 -10.08 49.72
C ASP A 236 14.82 -9.99 51.17
N LYS A 237 14.31 -10.84 52.04
CA LYS A 237 14.72 -10.80 53.44
C LYS A 237 15.61 -11.97 53.81
N ARG A 238 16.26 -12.56 52.82
CA ARG A 238 17.14 -13.68 53.05
C ARG A 238 18.56 -13.33 52.60
N LYS A 239 19.53 -13.62 53.46
CA LYS A 239 20.93 -13.33 53.17
C LYS A 239 21.38 -13.89 51.82
N ASP A 240 20.67 -14.91 51.34
CA ASP A 240 21.01 -15.52 50.06
C ASP A 240 19.78 -15.79 49.18
N PRO A 241 19.38 -14.81 48.37
CA PRO A 241 18.21 -14.91 47.47
C PRO A 241 18.07 -16.27 46.81
N SER A 242 19.15 -16.72 46.19
CA SER A 242 19.20 -17.99 45.47
C SER A 242 18.79 -19.24 46.25
N SER A 243 18.81 -19.18 47.58
CA SER A 243 18.47 -20.34 48.40
C SER A 243 16.97 -20.65 48.51
N VAL A 244 16.12 -19.74 48.03
CA VAL A 244 14.68 -19.97 48.07
C VAL A 244 14.29 -21.08 47.10
N ASP A 245 13.53 -22.04 47.61
CA ASP A 245 13.09 -23.19 46.82
C ASP A 245 11.59 -23.08 46.55
N ILE A 246 11.26 -22.64 45.34
CA ILE A 246 9.87 -22.46 44.91
C ILE A 246 9.01 -23.69 45.13
N LYS A 247 9.53 -24.86 44.79
CA LYS A 247 8.80 -26.10 44.97
C LYS A 247 8.38 -26.22 46.43
N LYS A 248 9.31 -25.96 47.34
CA LYS A 248 9.04 -26.05 48.76
C LYS A 248 8.04 -24.99 49.22
N VAL A 249 8.08 -23.80 48.62
CA VAL A 249 7.15 -22.74 48.99
C VAL A 249 5.73 -23.10 48.54
N LEU A 250 5.63 -23.71 47.37
CA LEU A 250 4.34 -24.09 46.83
C LEU A 250 3.74 -25.21 47.70
N LEU A 251 4.56 -26.17 48.08
CA LEU A 251 4.07 -27.26 48.92
C LEU A 251 3.60 -26.72 50.27
N GLU A 252 4.25 -25.68 50.78
CA GLU A 252 3.86 -25.08 52.04
C GLU A 252 2.49 -24.45 51.85
N MET A 253 2.34 -23.68 50.78
CA MET A 253 1.08 -23.02 50.48
C MET A 253 -0.07 -24.01 50.29
N ARG A 254 0.22 -25.15 49.67
CA ARG A 254 -0.78 -26.17 49.43
C ARG A 254 -1.29 -26.82 50.73
N LYS A 255 -0.69 -26.46 51.86
CA LYS A 255 -1.12 -26.98 53.14
C LYS A 255 -2.42 -26.26 53.53
N PHE A 256 -2.62 -25.09 52.93
CA PHE A 256 -3.79 -24.26 53.20
C PHE A 256 -4.89 -24.31 52.14
N ARG A 257 -4.54 -24.67 50.91
CA ARG A 257 -5.54 -24.79 49.86
C ARG A 257 -5.06 -25.74 48.77
N MET A 258 -5.96 -26.64 48.38
CA MET A 258 -5.66 -27.65 47.37
C MET A 258 -5.48 -27.10 45.97
N GLY A 259 -4.71 -27.84 45.17
CA GLY A 259 -4.46 -27.52 43.78
C GLY A 259 -3.80 -26.23 43.34
N LEU A 260 -3.17 -25.50 44.26
CA LEU A 260 -2.53 -24.25 43.89
C LEU A 260 -1.55 -24.47 42.73
N ILE A 261 -1.74 -23.70 41.66
CA ILE A 261 -0.96 -23.80 40.41
C ILE A 261 -1.54 -25.04 39.73
N GLN A 262 -2.35 -24.81 38.70
CA GLN A 262 -3.01 -25.89 37.98
C GLN A 262 -2.29 -26.60 36.86
N THR A 263 -1.22 -26.01 36.33
CA THR A 263 -0.51 -26.65 35.22
C THR A 263 1.00 -26.52 35.37
N ALA A 264 1.73 -27.31 34.60
CA ALA A 264 3.17 -27.27 34.62
C ALA A 264 3.62 -25.92 34.07
N ASP A 265 2.89 -25.40 33.07
CA ASP A 265 3.19 -24.10 32.46
C ASP A 265 3.13 -22.98 33.49
N GLN A 266 2.10 -23.01 34.33
CA GLN A 266 1.94 -21.99 35.37
C GLN A 266 3.09 -22.13 36.37
N LEU A 267 3.55 -23.36 36.58
CA LEU A 267 4.67 -23.59 37.50
C LEU A 267 5.91 -22.98 36.89
N ARG A 268 6.12 -23.23 35.60
CA ARG A 268 7.29 -22.70 34.91
C ARG A 268 7.23 -21.18 34.87
N PHE A 269 6.05 -20.63 34.63
CA PHE A 269 5.91 -19.19 34.58
C PHE A 269 6.28 -18.57 35.93
N SER A 270 5.83 -19.20 37.00
CA SER A 270 6.14 -18.72 38.34
C SER A 270 7.64 -18.59 38.52
N TYR A 271 8.38 -19.61 38.10
CA TYR A 271 9.84 -19.57 38.19
C TYR A 271 10.34 -18.38 37.38
N LEU A 272 9.86 -18.30 36.15
CA LEU A 272 10.23 -17.26 35.24
C LEU A 272 10.05 -15.86 35.81
N ALA A 273 8.87 -15.60 36.37
CA ALA A 273 8.55 -14.29 36.94
C ALA A 273 9.34 -13.98 38.20
N VAL A 274 9.53 -14.99 39.04
CA VAL A 274 10.29 -14.79 40.28
C VAL A 274 11.73 -14.44 39.95
N ILE A 275 12.32 -15.18 39.02
CA ILE A 275 13.69 -14.93 38.61
C ILE A 275 13.84 -13.53 38.04
N GLU A 276 12.89 -13.11 37.19
CA GLU A 276 12.94 -11.77 36.60
C GLU A 276 12.69 -10.68 37.65
N GLY A 277 11.86 -10.99 38.62
CA GLY A 277 11.57 -10.03 39.68
C GLY A 277 12.66 -9.95 40.73
N ALA A 278 13.52 -10.97 40.79
CA ALA A 278 14.60 -11.00 41.78
C ALA A 278 15.93 -10.50 41.22
N LYS A 279 15.95 -10.18 39.93
CA LYS A 279 17.15 -9.72 39.25
C LYS A 279 17.98 -8.67 40.00
N PHE A 280 17.34 -7.83 40.80
CA PHE A 280 18.09 -6.78 41.52
C PHE A 280 18.31 -7.00 43.02
N ILE A 281 17.74 -8.05 43.58
CA ILE A 281 17.94 -8.29 45.01
C ILE A 281 19.43 -8.60 45.22
N MET A 282 20.14 -7.65 45.86
CA MET A 282 21.58 -7.79 46.13
C MET A 282 21.96 -9.03 46.93
N GLY A 283 21.35 -9.18 48.12
CA GLY A 283 21.64 -10.33 48.95
C GLY A 283 22.80 -10.10 49.91
N ASP A 284 23.94 -10.70 49.61
CA ASP A 284 25.13 -10.56 50.44
C ASP A 284 26.28 -9.97 49.62
N SER A 285 26.00 -9.70 48.34
CA SER A 285 27.00 -9.15 47.44
C SER A 285 27.35 -7.72 47.86
N SER A 286 28.53 -7.26 47.45
CA SER A 286 28.99 -5.92 47.77
C SER A 286 28.68 -5.00 46.61
N VAL A 287 28.88 -3.70 46.83
CA VAL A 287 28.63 -2.72 45.77
C VAL A 287 29.46 -3.06 44.53
N GLN A 288 30.71 -3.45 44.75
CA GLN A 288 31.62 -3.80 43.66
C GLN A 288 31.16 -5.07 42.95
N ASP A 289 30.82 -6.10 43.72
CA ASP A 289 30.35 -7.36 43.14
C ASP A 289 29.03 -7.15 42.41
N GLN A 290 28.12 -6.40 43.03
CA GLN A 290 26.81 -6.14 42.43
C GLN A 290 26.95 -5.26 41.18
N TRP A 291 28.14 -4.66 41.00
CA TRP A 291 28.42 -3.82 39.84
C TRP A 291 28.80 -4.68 38.64
N LYS A 292 29.58 -5.73 38.90
CA LYS A 292 30.02 -6.63 37.83
C LYS A 292 28.88 -7.47 37.28
N ASP B 10 -3.90 9.53 13.20
CA ASP B 10 -3.79 8.05 13.39
C ASP B 10 -3.60 7.74 14.87
N GLU B 11 -4.53 6.99 15.45
CA GLU B 11 -4.47 6.62 16.85
C GLU B 11 -3.33 5.65 17.14
N TRP B 12 -2.70 5.12 16.08
CA TRP B 12 -1.61 4.19 16.23
C TRP B 12 -0.23 4.85 16.14
N GLU B 13 -0.19 6.10 15.69
CA GLU B 13 1.07 6.82 15.56
C GLU B 13 1.74 7.02 16.91
N VAL B 14 3.01 6.64 16.99
CA VAL B 14 3.78 6.77 18.23
C VAL B 14 4.98 7.70 18.01
N SER B 15 5.27 8.52 19.02
CA SER B 15 6.38 9.47 18.99
C SER B 15 7.71 8.72 18.92
N ARG B 16 8.54 9.07 17.94
CA ARG B 16 9.84 8.42 17.75
C ARG B 16 10.73 8.48 18.99
N GLU B 17 10.60 9.55 19.75
CA GLU B 17 11.40 9.75 20.96
C GLU B 17 11.08 8.71 22.04
N LYS B 18 9.95 8.04 21.92
CA LYS B 18 9.54 7.03 22.90
C LYS B 18 10.08 5.65 22.57
N ILE B 19 10.72 5.52 21.40
CA ILE B 19 11.26 4.24 21.00
C ILE B 19 12.78 4.20 20.96
N THR B 20 13.36 3.17 21.56
CA THR B 20 14.80 3.01 21.55
C THR B 20 15.15 1.60 21.10
N LEU B 21 15.91 1.50 20.01
CA LEU B 21 16.32 0.22 19.48
C LEU B 21 17.48 -0.27 20.36
N LEU B 22 17.37 -1.49 20.86
CA LEU B 22 18.39 -2.04 21.75
C LEU B 22 19.34 -2.98 21.03
N ARG B 23 18.81 -3.84 20.18
CA ARG B 23 19.63 -4.80 19.44
C ARG B 23 18.91 -5.44 18.26
N GLU B 24 19.70 -6.06 17.37
CA GLU B 24 19.16 -6.72 16.21
C GLU B 24 18.57 -8.06 16.62
N LEU B 25 17.45 -8.42 16.00
CA LEU B 25 16.82 -9.69 16.32
C LEU B 25 16.94 -10.62 15.13
N GLY B 26 17.05 -10.05 13.94
CA GLY B 26 17.17 -10.87 12.76
C GLY B 26 16.51 -10.21 11.56
N GLN B 27 16.70 -10.81 10.40
CA GLN B 27 16.12 -10.28 9.17
C GLN B 27 14.67 -10.72 9.01
N GLY B 28 13.80 -9.77 8.67
CA GLY B 28 12.41 -10.09 8.46
C GLY B 28 12.12 -10.13 6.97
N SER B 29 10.85 -10.00 6.59
CA SER B 29 10.46 -10.02 5.19
C SER B 29 11.02 -8.87 4.36
N PHE B 30 11.04 -7.66 4.93
CA PHE B 30 11.52 -6.50 4.18
C PHE B 30 12.71 -5.77 4.79
N GLY B 31 13.13 -6.18 5.97
CA GLY B 31 14.25 -5.51 6.60
C GLY B 31 14.57 -6.04 7.97
N MET B 32 15.59 -5.44 8.59
CA MET B 32 16.04 -5.85 9.91
C MET B 32 14.98 -5.60 10.98
N VAL B 33 14.78 -6.59 11.82
CA VAL B 33 13.84 -6.49 12.92
C VAL B 33 14.69 -6.25 14.17
N TYR B 34 14.33 -5.24 14.96
CA TYR B 34 15.08 -4.93 16.18
C TYR B 34 14.27 -5.17 17.44
N GLU B 35 14.97 -5.26 18.57
CA GLU B 35 14.28 -5.37 19.84
C GLU B 35 14.39 -3.95 20.37
N GLY B 36 13.29 -3.41 20.89
CA GLY B 36 13.34 -2.07 21.41
C GLY B 36 12.65 -1.93 22.74
N ASN B 37 12.83 -0.78 23.36
CA ASN B 37 12.19 -0.49 24.63
C ASN B 37 11.30 0.69 24.29
N ALA B 38 10.02 0.58 24.58
CA ALA B 38 9.08 1.66 24.29
C ALA B 38 8.46 2.20 25.56
N ARG B 39 8.68 3.48 25.83
CA ARG B 39 8.13 4.10 27.02
C ARG B 39 6.74 4.69 26.76
N ASP B 40 5.82 4.41 27.67
CA ASP B 40 4.44 4.91 27.61
C ASP B 40 3.70 4.71 26.29
N ILE B 41 3.57 3.47 25.86
CA ILE B 41 2.84 3.15 24.64
C ILE B 41 1.66 2.26 25.02
N ILE B 42 1.71 1.74 26.24
CA ILE B 42 0.66 0.88 26.78
C ILE B 42 0.26 1.46 28.12
N LYS B 43 -0.96 2.00 28.18
CA LYS B 43 -1.49 2.60 29.40
C LYS B 43 -1.35 1.66 30.60
N GLY B 44 -0.73 2.16 31.67
CA GLY B 44 -0.54 1.35 32.87
C GLY B 44 0.82 0.69 32.91
N GLU B 45 1.58 0.84 31.83
CA GLU B 45 2.91 0.26 31.76
C GLU B 45 3.88 1.35 31.31
N ALA B 46 4.78 1.73 32.21
CA ALA B 46 5.77 2.77 31.95
C ALA B 46 6.71 2.43 30.80
N GLU B 47 7.19 1.19 30.78
CA GLU B 47 8.10 0.75 29.74
C GLU B 47 7.71 -0.63 29.23
N THR B 48 7.87 -0.82 27.92
CA THR B 48 7.51 -2.08 27.29
C THR B 48 8.62 -2.56 26.36
N ARG B 49 8.97 -3.83 26.45
CA ARG B 49 9.96 -4.36 25.54
C ARG B 49 9.15 -4.71 24.29
N VAL B 50 9.62 -4.28 23.13
CA VAL B 50 8.89 -4.53 21.88
C VAL B 50 9.79 -4.99 20.75
N ALA B 51 9.16 -5.36 19.64
CA ALA B 51 9.86 -5.77 18.43
C ALA B 51 9.57 -4.66 17.41
N VAL B 52 10.61 -4.15 16.77
CA VAL B 52 10.43 -3.06 15.80
C VAL B 52 10.86 -3.47 14.41
N LYS B 53 9.94 -3.38 13.45
CA LYS B 53 10.24 -3.75 12.08
C LYS B 53 10.61 -2.55 11.22
N THR B 54 11.61 -2.71 10.37
CA THR B 54 12.06 -1.64 9.50
C THR B 54 12.25 -2.24 8.10
N VAL B 55 12.35 -1.38 7.10
CA VAL B 55 12.55 -1.85 5.72
C VAL B 55 13.94 -1.44 5.22
N ASN B 56 14.62 -2.36 4.53
CA ASN B 56 15.96 -2.09 4.00
C ASN B 56 15.92 -0.97 2.98
N GLU B 57 17.04 -0.27 2.83
CA GLU B 57 17.14 0.82 1.89
C GLU B 57 17.03 0.32 0.45
N SER B 58 17.30 -0.96 0.24
CA SER B 58 17.25 -1.54 -1.09
C SER B 58 15.88 -2.12 -1.47
N ALA B 59 14.89 -1.95 -0.62
CA ALA B 59 13.56 -2.48 -0.92
C ALA B 59 12.97 -1.80 -2.15
N SER B 60 12.34 -2.61 -3.00
CA SER B 60 11.71 -2.12 -4.22
C SER B 60 10.39 -1.43 -3.85
N LEU B 61 9.76 -0.82 -4.86
CA LEU B 61 8.49 -0.15 -4.65
C LEU B 61 7.45 -1.13 -4.08
N ARG B 62 7.33 -2.31 -4.69
CA ARG B 62 6.38 -3.32 -4.24
C ARG B 62 6.62 -3.73 -2.78
N GLU B 63 7.88 -3.98 -2.44
CA GLU B 63 8.25 -4.37 -1.09
C GLU B 63 7.85 -3.32 -0.06
N ARG B 64 8.13 -2.07 -0.38
CA ARG B 64 7.80 -0.96 0.50
C ARG B 64 6.29 -0.92 0.69
N ILE B 65 5.56 -1.08 -0.40
CA ILE B 65 4.10 -1.07 -0.33
C ILE B 65 3.61 -2.21 0.58
N GLU B 66 4.23 -3.38 0.45
CA GLU B 66 3.82 -4.52 1.27
C GLU B 66 4.15 -4.31 2.74
N PHE B 67 5.31 -3.72 3.00
CA PHE B 67 5.72 -3.45 4.37
C PHE B 67 4.69 -2.55 5.07
N LEU B 68 4.34 -1.44 4.43
CA LEU B 68 3.37 -0.52 5.02
C LEU B 68 1.99 -1.17 5.08
N ASN B 69 1.68 -1.97 4.07
CA ASN B 69 0.39 -2.68 4.01
C ASN B 69 0.21 -3.64 5.19
N GLU B 70 1.28 -4.31 5.59
CA GLU B 70 1.19 -5.24 6.70
C GLU B 70 0.77 -4.49 7.95
N ALA B 71 1.42 -3.35 8.20
CA ALA B 71 1.13 -2.53 9.35
C ALA B 71 -0.33 -2.11 9.34
N SER B 72 -0.83 -1.77 8.15
CA SER B 72 -2.21 -1.32 8.03
C SER B 72 -3.26 -2.41 8.31
N VAL B 73 -3.07 -3.62 7.78
CA VAL B 73 -4.05 -4.69 8.01
C VAL B 73 -4.06 -5.21 9.45
N MET B 74 -2.89 -5.23 10.09
CA MET B 74 -2.80 -5.71 11.46
C MET B 74 -3.61 -4.84 12.43
N LYS B 75 -3.87 -3.60 12.06
CA LYS B 75 -4.63 -2.70 12.91
C LYS B 75 -6.00 -3.29 13.26
N GLY B 76 -6.56 -4.06 12.35
CA GLY B 76 -7.87 -4.65 12.60
C GLY B 76 -7.88 -6.07 13.13
N PHE B 77 -6.73 -6.62 13.50
CA PHE B 77 -6.69 -8.00 14.00
C PHE B 77 -6.66 -8.12 15.51
N THR B 78 -7.48 -9.02 16.04
CA THR B 78 -7.51 -9.29 17.47
C THR B 78 -7.69 -10.79 17.64
N CYS B 79 -6.58 -11.50 17.78
CA CYS B 79 -6.59 -12.94 17.94
C CYS B 79 -5.38 -13.36 18.77
N HIS B 80 -5.62 -14.23 19.75
CA HIS B 80 -4.55 -14.70 20.61
C HIS B 80 -3.39 -15.33 19.82
N HIS B 81 -3.71 -15.96 18.70
CA HIS B 81 -2.69 -16.62 17.89
C HIS B 81 -2.17 -15.81 16.71
N VAL B 82 -2.26 -14.48 16.84
CA VAL B 82 -1.78 -13.58 15.81
C VAL B 82 -0.98 -12.49 16.51
N VAL B 83 0.25 -12.29 16.05
CA VAL B 83 1.11 -11.27 16.63
C VAL B 83 0.36 -9.94 16.63
N ARG B 84 0.45 -9.24 17.76
CA ARG B 84 -0.24 -7.97 17.93
C ARG B 84 0.58 -6.73 17.53
N LEU B 85 -0.08 -5.79 16.86
CA LEU B 85 0.56 -4.54 16.47
C LEU B 85 0.42 -3.61 17.66
N LEU B 86 1.46 -2.84 17.95
CA LEU B 86 1.42 -1.93 19.07
C LEU B 86 1.43 -0.46 18.64
N GLY B 87 1.98 -0.20 17.45
CA GLY B 87 2.03 1.16 16.95
C GLY B 87 2.95 1.35 15.75
N VAL B 88 2.98 2.58 15.22
CA VAL B 88 3.81 2.91 14.07
C VAL B 88 4.42 4.28 14.20
N VAL B 89 5.62 4.43 13.64
CA VAL B 89 6.32 5.71 13.64
C VAL B 89 6.49 6.08 12.15
N SER B 90 5.55 6.87 11.64
CA SER B 90 5.60 7.28 10.24
C SER B 90 6.16 8.68 10.05
N LYS B 91 6.36 9.40 11.15
CA LYS B 91 6.90 10.75 11.06
C LYS B 91 8.41 10.68 10.82
N GLY B 92 8.84 11.08 9.62
CA GLY B 92 10.25 11.04 9.30
C GLY B 92 10.74 9.64 9.00
N GLN B 93 12.05 9.48 8.87
CA GLN B 93 12.64 8.19 8.58
C GLN B 93 13.64 7.76 9.66
N PRO B 94 13.83 6.44 9.83
CA PRO B 94 13.16 5.37 9.08
C PRO B 94 11.77 5.05 9.64
N THR B 95 10.89 4.52 8.81
CA THR B 95 9.56 4.16 9.27
C THR B 95 9.72 2.97 10.21
N LEU B 96 8.94 2.93 11.28
CA LEU B 96 9.03 1.85 12.24
C LEU B 96 7.67 1.24 12.53
N VAL B 97 7.63 -0.09 12.56
CA VAL B 97 6.39 -0.79 12.88
C VAL B 97 6.67 -1.52 14.19
N VAL B 98 6.01 -1.08 15.25
CA VAL B 98 6.19 -1.63 16.58
C VAL B 98 5.17 -2.69 16.95
N MET B 99 5.65 -3.88 17.29
CA MET B 99 4.77 -4.97 17.66
C MET B 99 5.19 -5.62 18.97
N GLU B 100 4.31 -6.46 19.52
CA GLU B 100 4.59 -7.17 20.75
C GLU B 100 5.83 -8.02 20.51
N LEU B 101 6.70 -8.08 21.51
CA LEU B 101 7.91 -8.87 21.38
C LEU B 101 7.59 -10.34 21.70
N MET B 102 8.04 -11.24 20.83
CA MET B 102 7.82 -12.68 21.02
C MET B 102 9.14 -13.25 21.55
N ALA B 103 9.16 -13.54 22.84
CA ALA B 103 10.34 -14.05 23.54
C ALA B 103 11.27 -15.02 22.81
N HIS B 104 10.73 -15.98 22.06
CA HIS B 104 11.61 -16.92 21.37
C HIS B 104 11.72 -16.74 19.86
N GLY B 105 11.52 -15.52 19.38
CA GLY B 105 11.64 -15.23 17.96
C GLY B 105 10.79 -16.01 16.98
N ASP B 106 11.20 -16.04 15.72
CA ASP B 106 10.47 -16.76 14.69
C ASP B 106 10.64 -18.27 14.83
N LEU B 107 9.60 -18.99 14.43
CA LEU B 107 9.57 -20.44 14.52
C LEU B 107 10.73 -21.16 13.79
N LYS B 108 11.13 -20.68 12.63
CA LYS B 108 12.22 -21.32 11.90
C LYS B 108 13.51 -21.28 12.72
N SER B 109 13.89 -20.08 13.15
CA SER B 109 15.09 -19.88 13.96
C SER B 109 14.99 -20.68 15.26
N TYR B 110 13.79 -20.69 15.85
CA TYR B 110 13.57 -21.41 17.09
C TYR B 110 13.81 -22.91 16.88
N LEU B 111 13.25 -23.45 15.82
CA LEU B 111 13.41 -24.88 15.53
C LEU B 111 14.87 -25.25 15.27
N ARG B 112 15.56 -24.45 14.47
CA ARG B 112 16.94 -24.75 14.17
C ARG B 112 17.84 -24.70 15.41
N SER B 113 17.55 -23.77 16.32
CA SER B 113 18.35 -23.64 17.53
C SER B 113 18.09 -24.82 18.47
N LEU B 114 17.15 -25.68 18.10
CA LEU B 114 16.85 -26.84 18.93
C LEU B 114 17.53 -28.09 18.39
N ARG B 115 18.20 -27.97 17.25
CA ARG B 115 18.89 -29.12 16.66
C ARG B 115 20.07 -29.49 17.58
N PRO B 116 20.43 -30.79 17.62
CA PRO B 116 21.55 -31.23 18.47
C PRO B 116 22.87 -30.52 18.20
N GLU B 117 23.10 -30.13 16.94
CA GLU B 117 24.33 -29.45 16.57
C GLU B 117 24.22 -27.94 16.78
N ALA B 118 23.06 -27.48 17.21
CA ALA B 118 22.85 -26.04 17.42
C ALA B 118 23.89 -25.43 18.35
N GLU B 119 24.46 -24.30 17.92
CA GLU B 119 25.45 -23.60 18.73
C GLU B 119 24.73 -22.62 19.66
N ASN B 120 23.65 -22.03 19.17
CA ASN B 120 22.83 -21.08 19.92
C ASN B 120 21.61 -21.75 20.57
N ASN B 121 21.80 -22.96 21.08
CA ASN B 121 20.69 -23.70 21.70
C ASN B 121 20.08 -22.93 22.86
N PRO B 122 18.75 -22.75 22.85
CA PRO B 122 18.05 -22.02 23.91
C PRO B 122 17.96 -22.77 25.25
N GLY B 123 18.60 -23.94 25.30
CA GLY B 123 18.59 -24.74 26.52
C GLY B 123 17.30 -25.49 26.78
N ARG B 124 16.79 -26.16 25.76
CA ARG B 124 15.54 -26.92 25.85
C ARG B 124 15.56 -28.01 24.76
N PRO B 125 14.92 -29.16 25.01
CA PRO B 125 14.87 -30.29 24.06
C PRO B 125 13.91 -30.09 22.87
N PRO B 126 14.02 -30.95 21.84
CA PRO B 126 13.15 -30.86 20.66
C PRO B 126 11.69 -31.09 21.04
N PRO B 127 10.76 -30.53 20.25
CA PRO B 127 9.32 -30.67 20.49
C PRO B 127 8.82 -32.12 20.53
N THR B 128 7.97 -32.44 21.50
CA THR B 128 7.40 -33.77 21.60
C THR B 128 6.20 -33.80 20.66
N LEU B 129 5.53 -34.94 20.57
CA LEU B 129 4.37 -35.05 19.71
C LEU B 129 3.26 -34.14 20.20
N GLN B 130 3.08 -34.07 21.52
CA GLN B 130 2.04 -33.23 22.11
C GLN B 130 2.32 -31.76 21.82
N GLU B 131 3.59 -31.36 21.92
CA GLU B 131 3.94 -29.99 21.66
C GLU B 131 3.74 -29.66 20.18
N MET B 132 3.94 -30.65 19.31
CA MET B 132 3.76 -30.43 17.88
C MET B 132 2.28 -30.26 17.54
N ILE B 133 1.43 -31.10 18.12
CA ILE B 133 0.00 -31.01 17.88
C ILE B 133 -0.44 -29.62 18.33
N GLN B 134 -0.04 -29.24 19.54
CA GLN B 134 -0.38 -27.94 20.09
C GLN B 134 0.04 -26.79 19.15
N MET B 135 1.23 -26.87 18.58
CA MET B 135 1.69 -25.82 17.66
C MET B 135 0.80 -25.82 16.42
N ALA B 136 0.45 -27.01 15.96
CA ALA B 136 -0.36 -27.17 14.78
C ALA B 136 -1.72 -26.49 14.97
N ALA B 137 -2.36 -26.75 16.11
CA ALA B 137 -3.67 -26.19 16.42
C ALA B 137 -3.61 -24.68 16.61
N GLU B 138 -2.51 -24.19 17.17
CA GLU B 138 -2.40 -22.76 17.39
C GLU B 138 -2.27 -22.04 16.05
N ILE B 139 -1.39 -22.53 15.19
CA ILE B 139 -1.20 -21.94 13.87
C ILE B 139 -2.49 -22.02 13.06
N ALA B 140 -3.15 -23.16 13.11
CA ALA B 140 -4.39 -23.35 12.38
C ALA B 140 -5.47 -22.39 12.90
N ASP B 141 -5.47 -22.15 14.20
CA ASP B 141 -6.44 -21.24 14.81
C ASP B 141 -6.23 -19.81 14.30
N GLY B 142 -4.97 -19.39 14.26
CA GLY B 142 -4.64 -18.06 13.76
C GLY B 142 -5.04 -17.94 12.30
N MET B 143 -4.87 -19.02 11.54
CA MET B 143 -5.22 -19.02 10.11
C MET B 143 -6.73 -19.03 9.92
N ALA B 144 -7.44 -19.77 10.78
CA ALA B 144 -8.89 -19.81 10.71
C ALA B 144 -9.40 -18.38 10.93
N TYR B 145 -8.80 -17.69 11.89
CA TYR B 145 -9.18 -16.31 12.18
C TYR B 145 -8.94 -15.42 10.97
N LEU B 146 -7.73 -15.49 10.42
CA LEU B 146 -7.36 -14.68 9.27
C LEU B 146 -8.31 -14.89 8.09
N ASN B 147 -8.71 -16.14 7.87
CA ASN B 147 -9.61 -16.45 6.77
C ASN B 147 -11.03 -15.93 7.04
N ALA B 148 -11.42 -15.92 8.31
CA ALA B 148 -12.75 -15.42 8.68
C ALA B 148 -12.78 -13.91 8.48
N LYS B 149 -11.59 -13.30 8.46
CA LYS B 149 -11.50 -11.86 8.26
C LYS B 149 -11.34 -11.58 6.77
N LYS B 150 -11.46 -12.64 5.98
CA LYS B 150 -11.37 -12.56 4.53
C LYS B 150 -10.03 -12.14 3.93
N PHE B 151 -8.97 -12.76 4.42
CA PHE B 151 -7.62 -12.51 3.88
C PHE B 151 -7.04 -13.86 3.54
N VAL B 152 -6.19 -13.88 2.53
CA VAL B 152 -5.50 -15.10 2.14
C VAL B 152 -4.07 -14.73 2.55
N HIS B 153 -3.38 -15.63 3.26
CA HIS B 153 -2.03 -15.32 3.71
C HIS B 153 -0.99 -15.39 2.59
N ARG B 154 -1.02 -16.47 1.82
CA ARG B 154 -0.11 -16.65 0.68
C ARG B 154 1.35 -16.93 1.00
N ASP B 155 1.78 -16.63 2.21
CA ASP B 155 3.18 -16.84 2.57
C ASP B 155 3.35 -17.50 3.94
N LEU B 156 2.52 -18.49 4.24
CA LEU B 156 2.64 -19.16 5.52
C LEU B 156 3.94 -19.98 5.50
N ALA B 157 4.78 -19.80 6.51
CA ALA B 157 6.04 -20.53 6.61
C ALA B 157 6.57 -20.37 8.02
N ALA B 158 7.33 -21.35 8.50
CA ALA B 158 7.88 -21.30 9.85
C ALA B 158 8.53 -19.95 10.17
N ARG B 159 9.24 -19.38 9.20
CA ARG B 159 9.89 -18.09 9.40
C ARG B 159 8.90 -16.95 9.66
N ASN B 160 7.66 -17.11 9.24
CA ASN B 160 6.65 -16.07 9.44
C ASN B 160 5.78 -16.29 10.68
N CYS B 161 6.10 -17.32 11.45
CA CYS B 161 5.38 -17.60 12.69
C CYS B 161 6.32 -17.21 13.83
N MET B 162 5.76 -16.87 14.98
CA MET B 162 6.54 -16.44 16.14
C MET B 162 6.25 -17.30 17.38
N VAL B 163 7.24 -17.37 18.27
CA VAL B 163 7.11 -18.16 19.50
C VAL B 163 7.20 -17.29 20.75
N ALA B 164 6.23 -17.46 21.64
CA ALA B 164 6.14 -16.70 22.89
C ALA B 164 6.90 -17.34 24.05
N HIS B 165 6.97 -16.61 25.16
CA HIS B 165 7.66 -17.06 26.36
C HIS B 165 7.17 -18.42 26.87
N ASP B 166 5.92 -18.75 26.56
CA ASP B 166 5.36 -20.03 27.00
C ASP B 166 5.26 -20.99 25.82
N PHE B 167 5.91 -20.59 24.72
CA PHE B 167 5.98 -21.36 23.48
C PHE B 167 4.75 -21.36 22.59
N THR B 168 3.78 -20.50 22.89
CA THR B 168 2.58 -20.41 22.07
C THR B 168 3.03 -19.86 20.71
N VAL B 169 2.63 -20.52 19.64
CA VAL B 169 2.99 -20.05 18.30
C VAL B 169 1.92 -19.06 17.80
N LYS B 170 2.35 -18.04 17.07
CA LYS B 170 1.45 -17.03 16.53
C LYS B 170 1.87 -16.60 15.13
N ILE B 171 0.90 -16.30 14.27
CA ILE B 171 1.19 -15.85 12.91
C ILE B 171 1.71 -14.42 13.09
N GLY B 172 2.90 -14.14 12.58
CA GLY B 172 3.48 -12.83 12.76
C GLY B 172 3.93 -12.02 11.56
N ASP B 173 3.67 -12.50 10.36
CA ASP B 173 4.06 -11.76 9.17
C ASP B 173 2.92 -11.80 8.18
N PHE B 174 2.65 -10.67 7.53
CA PHE B 174 1.57 -10.58 6.55
C PHE B 174 2.03 -9.81 5.33
N GLY B 175 3.29 -9.99 4.97
CA GLY B 175 3.86 -9.30 3.83
C GLY B 175 3.24 -9.59 2.47
N MET B 176 2.57 -10.72 2.33
CA MET B 176 1.95 -11.07 1.05
C MET B 176 0.44 -11.29 1.17
N THR B 177 -0.13 -10.89 2.30
CA THR B 177 -1.56 -11.08 2.52
C THR B 177 -2.44 -10.25 1.59
N ARG B 178 -3.49 -10.88 1.07
CA ARG B 178 -4.43 -10.23 0.17
C ARG B 178 -5.88 -10.43 0.60
N ASP B 179 -6.69 -9.38 0.41
CA ASP B 179 -8.11 -9.41 0.75
C ASP B 179 -8.87 -10.26 -0.27
N ILE B 180 -9.75 -11.13 0.22
CA ILE B 180 -10.54 -11.98 -0.68
C ILE B 180 -12.02 -11.89 -0.33
N PTR B 181 -12.41 -10.80 0.31
CA PTR B 181 -13.80 -10.61 0.70
C PTR B 181 -14.77 -10.93 -0.42
O PTR B 181 -15.61 -11.83 -0.30
CB PTR B 181 -14.04 -9.17 1.16
CG PTR B 181 -15.47 -8.95 1.61
CD1 PTR B 181 -15.95 -9.58 2.75
CD2 PTR B 181 -16.33 -8.14 0.89
CE1 PTR B 181 -17.28 -9.42 3.15
CE2 PTR B 181 -17.66 -7.97 1.28
CZ PTR B 181 -18.13 -8.61 2.42
OH PTR B 181 -19.44 -8.48 2.80
P PTR B 181 -20.09 -7.39 3.81
O1P PTR B 181 -18.95 -6.60 4.39
O2P PTR B 181 -20.77 -8.28 4.78
O3P PTR B 181 -20.99 -6.62 2.89
N GLU B 182 -14.66 -10.20 -1.53
CA GLU B 182 -15.55 -10.38 -2.66
C GLU B 182 -15.50 -11.71 -3.41
N THR B 183 -14.32 -12.23 -3.67
CA THR B 183 -14.21 -13.46 -4.45
C THR B 183 -13.69 -14.73 -3.78
N ASP B 184 -13.10 -14.59 -2.59
CA ASP B 184 -12.56 -15.75 -1.86
C ASP B 184 -11.29 -16.34 -2.49
N PTR B 185 -10.57 -15.53 -3.25
CA PTR B 185 -9.33 -15.98 -3.86
C PTR B 185 -8.62 -14.78 -4.47
O PTR B 185 -9.18 -13.69 -4.58
CB PTR B 185 -9.60 -17.05 -4.93
CG PTR B 185 -10.07 -16.54 -6.27
CD1 PTR B 185 -9.16 -16.16 -7.25
CD2 PTR B 185 -11.43 -16.44 -6.56
CE1 PTR B 185 -9.59 -15.68 -8.49
CE2 PTR B 185 -11.86 -15.95 -7.79
CZ PTR B 185 -10.94 -15.58 -8.75
OH PTR B 185 -11.38 -15.09 -9.97
P PTR B 185 -11.11 -15.59 -11.52
O1P PTR B 185 -9.87 -14.91 -11.93
O2P PTR B 185 -11.02 -17.04 -11.40
O3P PTR B 185 -12.32 -15.09 -12.21
N PTR B 186 -7.37 -14.99 -4.85
CA PTR B 186 -6.58 -13.94 -5.45
C PTR B 186 -5.68 -14.53 -6.52
O PTR B 186 -4.99 -15.54 -6.30
CB PTR B 186 -5.75 -13.25 -4.35
CG PTR B 186 -4.61 -12.41 -4.87
CD1 PTR B 186 -3.36 -12.99 -5.15
CD2 PTR B 186 -4.78 -11.05 -5.13
CE1 PTR B 186 -2.32 -12.23 -5.64
CE2 PTR B 186 -3.75 -10.29 -5.65
CZ PTR B 186 -2.51 -10.87 -5.90
OH PTR B 186 -1.45 -10.14 -6.40
P PTR B 186 -1.36 -8.60 -6.88
O1P PTR B 186 -2.00 -8.61 -8.24
O2P PTR B 186 0.11 -8.47 -6.87
O3P PTR B 186 -2.09 -7.80 -5.85
N ARG B 187 -5.70 -13.91 -7.70
CA ARG B 187 -4.89 -14.37 -8.82
C ARG B 187 -3.76 -13.38 -9.06
N LYS B 188 -2.53 -13.91 -9.14
CA LYS B 188 -1.36 -13.08 -9.36
C LYS B 188 -1.38 -12.50 -10.75
N GLY B 189 -1.32 -11.17 -10.84
CA GLY B 189 -1.32 -10.52 -12.14
C GLY B 189 0.03 -10.68 -12.82
N GLY B 190 0.88 -9.67 -12.68
CA GLY B 190 2.19 -9.72 -13.31
C GLY B 190 3.07 -10.82 -12.74
N LYS B 191 4.38 -10.62 -12.83
CA LYS B 191 5.34 -11.60 -12.32
C LYS B 191 5.78 -11.16 -10.92
N GLY B 192 6.64 -11.95 -10.30
CA GLY B 192 7.11 -11.60 -8.97
C GLY B 192 7.87 -12.74 -8.32
N LEU B 193 8.53 -12.44 -7.20
CA LEU B 193 9.30 -13.43 -6.48
C LEU B 193 8.37 -14.20 -5.56
N LEU B 194 8.41 -15.52 -5.65
CA LEU B 194 7.53 -16.33 -4.84
C LEU B 194 8.26 -17.40 -4.06
N PRO B 195 7.72 -17.76 -2.88
CA PRO B 195 8.28 -18.78 -1.99
C PRO B 195 7.87 -20.14 -2.53
N VAL B 196 8.47 -20.49 -3.67
CA VAL B 196 8.20 -21.72 -4.40
C VAL B 196 8.05 -23.01 -3.59
N ARG B 197 8.95 -23.23 -2.65
CA ARG B 197 8.92 -24.45 -1.85
C ARG B 197 7.71 -24.60 -0.92
N TRP B 198 6.98 -23.52 -0.70
CA TRP B 198 5.81 -23.54 0.19
C TRP B 198 4.48 -23.45 -0.58
N MET B 199 4.56 -23.28 -1.90
CA MET B 199 3.37 -23.13 -2.74
C MET B 199 2.65 -24.36 -3.29
N ALA B 200 1.33 -24.27 -3.35
CA ALA B 200 0.50 -25.34 -3.87
C ALA B 200 0.66 -25.36 -5.40
N PRO B 201 0.47 -26.55 -6.02
CA PRO B 201 0.61 -26.63 -7.47
C PRO B 201 -0.23 -25.62 -8.26
N GLU B 202 -1.50 -25.45 -7.89
CA GLU B 202 -2.36 -24.51 -8.60
C GLU B 202 -1.85 -23.07 -8.50
N SER B 203 -1.15 -22.76 -7.42
CA SER B 203 -0.63 -21.42 -7.24
C SER B 203 0.61 -21.26 -8.11
N LEU B 204 1.33 -22.37 -8.31
CA LEU B 204 2.53 -22.35 -9.13
C LEU B 204 2.10 -22.23 -10.60
N LYS B 205 1.20 -23.11 -11.00
CA LYS B 205 0.71 -23.13 -12.36
C LYS B 205 -0.03 -21.86 -12.79
N ASP B 206 -1.05 -21.47 -12.03
CA ASP B 206 -1.85 -20.31 -12.42
C ASP B 206 -1.81 -19.07 -11.54
N GLY B 207 -0.94 -19.05 -10.54
CA GLY B 207 -0.86 -17.89 -9.68
C GLY B 207 -2.16 -17.63 -8.94
N VAL B 208 -2.86 -18.70 -8.61
CA VAL B 208 -4.14 -18.61 -7.89
C VAL B 208 -3.92 -18.94 -6.40
N PHE B 209 -4.37 -18.07 -5.51
CA PHE B 209 -4.22 -18.30 -4.08
C PHE B 209 -5.57 -18.32 -3.36
N THR B 210 -5.78 -19.33 -2.52
CA THR B 210 -7.02 -19.47 -1.76
C THR B 210 -6.68 -19.97 -0.36
N THR B 211 -7.70 -20.17 0.45
CA THR B 211 -7.44 -20.68 1.79
C THR B 211 -6.89 -22.10 1.64
N SER B 212 -7.24 -22.78 0.54
CA SER B 212 -6.76 -24.13 0.27
C SER B 212 -5.26 -24.15 -0.02
N SER B 213 -4.77 -23.17 -0.77
CA SER B 213 -3.36 -23.15 -1.05
C SER B 213 -2.64 -22.82 0.28
N ASP B 214 -3.26 -21.99 1.12
CA ASP B 214 -2.68 -21.68 2.44
C ASP B 214 -2.58 -22.98 3.24
N MET B 215 -3.57 -23.85 3.07
CA MET B 215 -3.59 -25.14 3.76
C MET B 215 -2.40 -26.00 3.29
N TRP B 216 -2.06 -25.86 2.02
CA TRP B 216 -0.93 -26.60 1.47
C TRP B 216 0.33 -26.15 2.24
N SER B 217 0.52 -24.84 2.34
CA SER B 217 1.65 -24.25 3.04
C SER B 217 1.66 -24.71 4.50
N PHE B 218 0.48 -24.80 5.10
CA PHE B 218 0.38 -25.24 6.47
C PHE B 218 1.03 -26.62 6.57
N GLY B 219 0.79 -27.46 5.57
CA GLY B 219 1.38 -28.79 5.57
C GLY B 219 2.89 -28.73 5.54
N VAL B 220 3.45 -27.77 4.80
CA VAL B 220 4.90 -27.63 4.72
C VAL B 220 5.44 -27.14 6.06
N VAL B 221 4.66 -26.33 6.75
CA VAL B 221 5.08 -25.82 8.06
C VAL B 221 5.13 -26.98 9.06
N LEU B 222 4.24 -27.98 8.90
CA LEU B 222 4.26 -29.14 9.80
C LEU B 222 5.51 -29.93 9.47
N TRP B 223 5.85 -29.98 8.20
CA TRP B 223 7.04 -30.67 7.77
C TRP B 223 8.25 -29.96 8.39
N GLU B 224 8.23 -28.62 8.40
CA GLU B 224 9.32 -27.84 8.98
C GLU B 224 9.45 -28.14 10.48
N ILE B 225 8.31 -28.29 11.14
CA ILE B 225 8.29 -28.59 12.56
C ILE B 225 8.86 -29.98 12.86
N THR B 226 8.48 -30.97 12.07
CA THR B 226 8.97 -32.33 12.29
C THR B 226 10.42 -32.56 11.84
N SER B 227 10.96 -31.67 11.01
CA SER B 227 12.34 -31.80 10.56
C SER B 227 13.25 -30.72 11.16
N LEU B 228 12.72 -29.98 12.14
CA LEU B 228 13.45 -28.89 12.80
C LEU B 228 14.01 -27.90 11.80
N ALA B 229 13.10 -27.29 11.05
CA ALA B 229 13.41 -26.30 10.04
C ALA B 229 14.48 -26.71 9.04
N GLU B 230 14.30 -27.88 8.44
CA GLU B 230 15.20 -28.36 7.40
C GLU B 230 14.66 -27.58 6.20
N GLN B 231 15.43 -27.45 5.13
CA GLN B 231 14.93 -26.73 3.95
C GLN B 231 14.05 -27.65 3.09
N PRO B 232 12.84 -27.22 2.76
CA PRO B 232 11.94 -28.03 1.93
C PRO B 232 12.61 -28.42 0.61
N TYR B 233 12.60 -29.70 0.28
CA TYR B 233 13.21 -30.19 -0.94
C TYR B 233 14.69 -29.84 -1.02
N GLN B 234 15.41 -30.00 0.08
CA GLN B 234 16.85 -29.68 0.11
C GLN B 234 17.57 -30.48 -0.97
N GLY B 235 18.44 -29.82 -1.71
CA GLY B 235 19.16 -30.51 -2.76
C GLY B 235 18.57 -30.31 -4.14
N LEU B 236 17.34 -29.78 -4.21
CA LEU B 236 16.71 -29.53 -5.50
C LEU B 236 16.61 -28.02 -5.68
N SER B 237 16.78 -27.55 -6.92
CA SER B 237 16.69 -26.13 -7.23
C SER B 237 15.22 -25.73 -7.28
N ASN B 238 14.96 -24.42 -7.32
CA ASN B 238 13.58 -23.94 -7.36
C ASN B 238 12.91 -24.41 -8.66
N GLU B 239 13.67 -24.38 -9.76
CA GLU B 239 13.13 -24.82 -11.04
C GLU B 239 12.67 -26.27 -10.98
N GLN B 240 13.42 -27.10 -10.25
CA GLN B 240 13.06 -28.52 -10.12
C GLN B 240 11.87 -28.70 -9.18
N VAL B 241 11.79 -27.87 -8.16
CA VAL B 241 10.70 -27.94 -7.19
C VAL B 241 9.40 -27.61 -7.90
N LEU B 242 9.41 -26.51 -8.63
CA LEU B 242 8.26 -26.05 -9.40
C LEU B 242 7.74 -27.18 -10.29
N LYS B 243 8.62 -27.76 -11.10
CA LYS B 243 8.27 -28.85 -12.00
C LYS B 243 7.72 -30.05 -11.23
N PHE B 244 8.42 -30.40 -10.16
CA PHE B 244 8.04 -31.54 -9.33
C PHE B 244 6.65 -31.45 -8.71
N VAL B 245 6.36 -30.35 -8.02
CA VAL B 245 5.06 -30.18 -7.38
C VAL B 245 3.90 -30.06 -8.36
N MET B 246 4.09 -29.33 -9.47
CA MET B 246 3.03 -29.20 -10.45
C MET B 246 2.71 -30.56 -11.06
N ASP B 247 3.71 -31.44 -11.14
CA ASP B 247 3.50 -32.78 -11.70
C ASP B 247 2.93 -33.76 -10.69
N GLY B 248 2.41 -33.26 -9.58
CA GLY B 248 1.83 -34.14 -8.58
C GLY B 248 2.74 -34.63 -7.47
N GLY B 249 3.95 -34.10 -7.39
CA GLY B 249 4.85 -34.52 -6.34
C GLY B 249 4.74 -33.71 -5.07
N TYR B 250 5.31 -34.22 -3.98
CA TYR B 250 5.29 -33.52 -2.70
C TYR B 250 6.43 -34.01 -1.79
N LEU B 251 6.59 -33.37 -0.64
CA LEU B 251 7.65 -33.70 0.30
C LEU B 251 7.54 -35.08 0.93
N ASP B 252 8.69 -35.70 1.16
CA ASP B 252 8.76 -37.00 1.80
C ASP B 252 8.57 -36.78 3.29
N GLN B 253 8.05 -37.78 3.98
CA GLN B 253 7.84 -37.67 5.42
C GLN B 253 9.20 -37.73 6.10
N PRO B 254 9.58 -36.66 6.83
CA PRO B 254 10.88 -36.65 7.50
C PRO B 254 11.08 -37.92 8.31
N ASP B 255 12.33 -38.37 8.37
CA ASP B 255 12.64 -39.59 9.11
C ASP B 255 12.14 -39.53 10.54
N ASN B 256 11.47 -40.60 10.95
CA ASN B 256 10.93 -40.72 12.30
C ASN B 256 9.86 -39.68 12.60
N CYS B 257 9.04 -39.37 11.59
CA CYS B 257 7.96 -38.40 11.77
C CYS B 257 6.75 -39.12 12.36
N PRO B 258 6.14 -38.53 13.40
CA PRO B 258 4.97 -39.16 14.02
C PRO B 258 3.88 -39.39 12.97
N GLU B 259 3.17 -40.51 13.07
CA GLU B 259 2.12 -40.83 12.11
C GLU B 259 0.93 -39.87 12.18
N ARG B 260 0.62 -39.36 13.37
CA ARG B 260 -0.50 -38.44 13.48
C ARG B 260 -0.27 -37.19 12.66
N VAL B 261 0.98 -36.74 12.62
CA VAL B 261 1.33 -35.55 11.85
C VAL B 261 1.36 -35.86 10.36
N THR B 262 1.89 -37.04 10.01
CA THR B 262 1.96 -37.45 8.61
C THR B 262 0.57 -37.44 8.01
N ASP B 263 -0.41 -37.92 8.77
CA ASP B 263 -1.78 -37.96 8.31
C ASP B 263 -2.28 -36.55 8.00
N LEU B 264 -1.73 -35.57 8.71
CA LEU B 264 -2.11 -34.18 8.51
C LEU B 264 -1.56 -33.66 7.20
N MET B 265 -0.28 -33.91 6.96
CA MET B 265 0.37 -33.45 5.74
C MET B 265 -0.30 -34.04 4.50
N ARG B 266 -0.62 -35.34 4.57
CA ARG B 266 -1.27 -36.04 3.46
C ARG B 266 -2.55 -35.31 3.08
N MET B 267 -3.32 -34.87 4.07
CA MET B 267 -4.56 -34.15 3.78
C MET B 267 -4.26 -32.80 3.12
N CYS B 268 -3.24 -32.12 3.62
CA CYS B 268 -2.86 -30.81 3.10
C CYS B 268 -2.26 -30.87 1.69
N TRP B 269 -1.66 -32.00 1.35
CA TRP B 269 -1.03 -32.10 0.04
C TRP B 269 -1.81 -32.85 -1.02
N GLN B 270 -3.12 -32.73 -0.97
CA GLN B 270 -3.96 -33.35 -1.98
C GLN B 270 -3.85 -32.44 -3.20
N PHE B 271 -3.63 -33.02 -4.36
CA PHE B 271 -3.48 -32.22 -5.56
C PHE B 271 -4.64 -31.27 -5.81
N ASN B 272 -5.85 -31.77 -5.60
CA ASN B 272 -7.06 -30.97 -5.82
C ASN B 272 -7.32 -30.09 -4.60
N PRO B 273 -7.28 -28.76 -4.80
CA PRO B 273 -7.51 -27.82 -3.69
C PRO B 273 -8.86 -27.96 -2.97
N ASN B 274 -9.91 -28.35 -3.69
CA ASN B 274 -11.19 -28.49 -3.04
C ASN B 274 -11.27 -29.78 -2.24
N MET B 275 -10.17 -30.51 -2.21
CA MET B 275 -10.09 -31.75 -1.45
C MET B 275 -9.37 -31.55 -0.12
N ARG B 276 -8.71 -30.41 0.03
CA ARG B 276 -7.98 -30.10 1.25
C ARG B 276 -8.91 -29.58 2.33
N PRO B 277 -8.68 -29.96 3.60
CA PRO B 277 -9.52 -29.52 4.71
C PRO B 277 -9.36 -28.02 4.95
N THR B 278 -10.25 -27.45 5.76
CA THR B 278 -10.20 -26.04 6.09
C THR B 278 -9.43 -25.93 7.40
N PHE B 279 -9.09 -24.71 7.79
CA PHE B 279 -8.36 -24.53 9.03
C PHE B 279 -9.22 -24.89 10.22
N LEU B 280 -10.51 -24.54 10.17
CA LEU B 280 -11.40 -24.88 11.26
C LEU B 280 -11.48 -26.40 11.40
N GLU B 281 -11.51 -27.10 10.27
CA GLU B 281 -11.56 -28.55 10.30
C GLU B 281 -10.32 -29.13 10.95
N ILE B 282 -9.18 -28.49 10.73
CA ILE B 282 -7.94 -28.95 11.33
C ILE B 282 -8.06 -28.84 12.86
N VAL B 283 -8.45 -27.66 13.34
CA VAL B 283 -8.58 -27.42 14.77
C VAL B 283 -9.59 -28.36 15.39
N ASN B 284 -10.72 -28.52 14.73
CA ASN B 284 -11.78 -29.39 15.22
C ASN B 284 -11.25 -30.81 15.32
N LEU B 285 -10.28 -31.12 14.49
CA LEU B 285 -9.68 -32.43 14.45
C LEU B 285 -8.74 -32.67 15.63
N LEU B 286 -8.10 -31.60 16.09
CA LEU B 286 -7.14 -31.69 17.18
C LEU B 286 -7.70 -31.22 18.53
N LYS B 287 -8.90 -30.67 18.51
CA LYS B 287 -9.52 -30.12 19.72
C LYS B 287 -9.49 -30.93 21.03
N ASP B 288 -9.48 -32.25 20.98
CA ASP B 288 -9.47 -33.03 22.22
C ASP B 288 -8.11 -33.36 22.80
N ASP B 289 -7.04 -32.99 22.12
CA ASP B 289 -5.70 -33.27 22.61
C ASP B 289 -4.90 -31.99 22.79
N LEU B 290 -5.56 -30.94 23.28
CA LEU B 290 -4.91 -29.64 23.47
C LEU B 290 -4.84 -29.19 24.92
N HIS B 291 -4.00 -28.19 25.19
CA HIS B 291 -3.81 -27.64 26.51
C HIS B 291 -5.15 -27.12 27.07
N PRO B 292 -5.34 -27.20 28.41
CA PRO B 292 -6.57 -26.73 29.06
C PRO B 292 -7.00 -25.30 28.71
N SER B 293 -6.03 -24.45 28.38
CA SER B 293 -6.33 -23.06 28.08
C SER B 293 -6.80 -22.76 26.66
N PHE B 294 -6.59 -23.70 25.73
CA PHE B 294 -6.98 -23.48 24.34
C PHE B 294 -8.41 -22.91 24.14
N PRO B 295 -9.42 -23.54 24.74
CA PRO B 295 -10.80 -23.06 24.58
C PRO B 295 -10.99 -21.65 25.14
N GLU B 296 -10.13 -21.26 26.07
CA GLU B 296 -10.24 -19.95 26.69
C GLU B 296 -9.76 -18.83 25.78
N VAL B 297 -8.80 -19.14 24.90
CA VAL B 297 -8.24 -18.12 24.02
C VAL B 297 -8.41 -18.31 22.52
N SER B 298 -8.87 -19.49 22.09
CA SER B 298 -8.98 -19.76 20.66
C SER B 298 -10.10 -19.06 19.90
N PHE B 299 -9.84 -18.81 18.62
CA PHE B 299 -10.84 -18.18 17.76
C PHE B 299 -11.91 -19.24 17.55
N PHE B 300 -11.46 -20.48 17.38
CA PHE B 300 -12.34 -21.63 17.17
C PHE B 300 -13.47 -21.77 18.19
N HIS B 301 -13.17 -21.57 19.47
CA HIS B 301 -14.18 -21.69 20.52
C HIS B 301 -14.85 -20.37 20.87
N SER B 302 -14.43 -19.27 20.24
CA SER B 302 -15.00 -17.97 20.54
C SER B 302 -16.37 -17.77 19.91
N GLU B 303 -17.13 -16.81 20.44
CA GLU B 303 -18.46 -16.49 19.95
C GLU B 303 -18.37 -15.83 18.58
N GLU B 304 -17.18 -15.34 18.24
CA GLU B 304 -16.94 -14.68 16.96
C GLU B 304 -16.90 -15.72 15.83
N ASN B 305 -16.70 -16.98 16.18
CA ASN B 305 -16.66 -18.04 15.18
C ASN B 305 -18.07 -18.59 14.94
N LYS B 306 -18.83 -17.86 14.14
CA LYS B 306 -20.21 -18.23 13.82
C LYS B 306 -20.42 -18.41 12.31
N GLU C 2 12.57 41.09 -31.40
CA GLU C 2 11.32 41.20 -32.20
C GLU C 2 10.53 39.90 -32.16
N MET C 3 11.13 38.81 -32.65
CA MET C 3 10.45 37.51 -32.67
C MET C 3 9.80 37.14 -31.34
N GLU C 4 10.62 37.10 -30.29
CA GLU C 4 10.12 36.72 -28.98
C GLU C 4 9.10 37.71 -28.42
N LYS C 5 9.27 38.99 -28.69
CA LYS C 5 8.32 39.96 -28.18
C LYS C 5 7.03 39.82 -28.98
N GLU C 6 7.14 39.43 -30.24
CA GLU C 6 5.95 39.25 -31.05
C GLU C 6 5.16 38.08 -30.46
N PHE C 7 5.87 36.99 -30.19
CA PHE C 7 5.26 35.81 -29.61
C PHE C 7 4.45 36.13 -28.35
N GLU C 8 5.04 36.91 -27.45
CA GLU C 8 4.40 37.29 -26.20
C GLU C 8 3.21 38.21 -26.44
N GLN C 9 3.31 39.01 -27.50
CA GLN C 9 2.28 39.96 -27.89
C GLN C 9 1.04 39.20 -28.38
N ILE C 10 1.27 38.15 -29.15
CA ILE C 10 0.17 37.36 -29.68
C ILE C 10 -0.46 36.55 -28.54
N ASP C 11 0.36 36.04 -27.64
CA ASP C 11 -0.14 35.28 -26.50
C ASP C 11 -0.99 36.15 -25.59
N LYS C 12 -0.53 37.37 -25.33
CA LYS C 12 -1.25 38.27 -24.43
C LYS C 12 -2.64 38.66 -24.94
N SER C 13 -2.75 38.88 -26.24
CA SER C 13 -4.02 39.26 -26.84
C SER C 13 -4.81 38.04 -27.31
N GLY C 14 -4.22 36.86 -27.15
CA GLY C 14 -4.87 35.62 -27.58
C GLY C 14 -5.29 35.69 -29.05
N SER C 15 -4.34 36.08 -29.91
CA SER C 15 -4.62 36.26 -31.33
C SER C 15 -4.11 35.18 -32.28
N TRP C 16 -3.67 34.04 -31.77
CA TRP C 16 -3.13 33.01 -32.64
C TRP C 16 -4.07 32.61 -33.78
N ALA C 17 -5.34 32.38 -33.47
CA ALA C 17 -6.30 32.00 -34.49
C ALA C 17 -6.42 33.10 -35.53
N ALA C 18 -6.44 34.35 -35.06
CA ALA C 18 -6.55 35.50 -35.95
C ALA C 18 -5.32 35.64 -36.84
N ILE C 19 -4.13 35.53 -36.25
CA ILE C 19 -2.90 35.63 -37.02
C ILE C 19 -2.83 34.48 -38.04
N TYR C 20 -3.19 33.27 -37.60
CA TYR C 20 -3.19 32.11 -38.48
C TYR C 20 -4.20 32.28 -39.59
N GLN C 21 -5.31 32.94 -39.28
CA GLN C 21 -6.36 33.18 -40.25
C GLN C 21 -5.83 34.10 -41.35
N ASP C 22 -5.18 35.20 -40.97
CA ASP C 22 -4.64 36.13 -41.97
C ASP C 22 -3.68 35.42 -42.92
N ILE C 23 -2.82 34.57 -42.37
CA ILE C 23 -1.86 33.82 -43.18
C ILE C 23 -2.59 32.99 -44.25
N ARG C 24 -3.67 32.34 -43.89
CA ARG C 24 -4.42 31.54 -44.85
C ARG C 24 -5.00 32.43 -45.96
N HIS C 25 -5.51 33.60 -45.58
CA HIS C 25 -6.08 34.54 -46.54
C HIS C 25 -5.05 35.14 -47.48
N GLU C 26 -3.83 35.35 -46.98
CA GLU C 26 -2.77 35.94 -47.78
C GLU C 26 -1.99 34.91 -48.60
N ALA C 27 -2.15 33.63 -48.28
CA ALA C 27 -1.43 32.56 -48.97
C ALA C 27 -1.65 32.47 -50.48
N SER C 28 -0.60 32.07 -51.18
CA SER C 28 -0.60 31.90 -52.63
C SER C 28 -1.66 30.90 -53.07
N ASP C 29 -2.21 31.14 -54.25
CA ASP C 29 -3.21 30.25 -54.84
C ASP C 29 -2.69 29.95 -56.23
N PHE C 30 -2.14 28.76 -56.43
CA PHE C 30 -1.61 28.40 -57.75
C PHE C 30 -2.34 27.20 -58.33
N PRO C 31 -2.27 27.04 -59.66
CA PRO C 31 -2.90 25.94 -60.39
C PRO C 31 -2.40 24.55 -59.99
N CYS C 32 -3.31 23.59 -59.93
CA CYS C 32 -2.99 22.21 -59.61
C CYS C 32 -3.67 21.35 -60.65
N ARG C 33 -3.55 21.77 -61.90
CA ARG C 33 -4.18 21.07 -63.03
C ARG C 33 -3.85 19.58 -63.12
N VAL C 34 -2.56 19.26 -63.11
CA VAL C 34 -2.14 17.87 -63.22
C VAL C 34 -2.63 16.95 -62.09
N ALA C 35 -2.52 17.42 -60.85
CA ALA C 35 -2.94 16.62 -59.71
C ALA C 35 -4.44 16.31 -59.75
N LYS C 36 -5.21 17.19 -60.39
CA LYS C 36 -6.64 16.99 -60.48
C LYS C 36 -7.11 16.21 -61.71
N LEU C 37 -6.18 15.74 -62.52
CA LEU C 37 -6.55 14.95 -63.68
C LEU C 37 -7.21 13.67 -63.20
N PRO C 38 -8.24 13.19 -63.93
CA PRO C 38 -8.97 11.97 -63.58
C PRO C 38 -8.07 10.74 -63.34
N LYS C 39 -7.04 10.60 -64.17
CA LYS C 39 -6.14 9.46 -64.05
C LYS C 39 -5.21 9.55 -62.84
N ASN C 40 -5.25 10.67 -62.12
CA ASN C 40 -4.37 10.82 -60.96
C ASN C 40 -5.06 10.73 -59.62
N LYS C 41 -6.38 10.59 -59.64
CA LYS C 41 -7.14 10.53 -58.40
C LYS C 41 -6.64 9.44 -57.45
N ASN C 42 -6.33 8.27 -58.01
CA ASN C 42 -5.85 7.13 -57.21
C ASN C 42 -4.41 7.33 -56.72
N ARG C 43 -3.83 8.47 -57.06
CA ARG C 43 -2.47 8.76 -56.65
C ARG C 43 -2.45 9.79 -55.52
N ASN C 44 -3.63 10.32 -55.18
CA ASN C 44 -3.76 11.31 -54.11
C ASN C 44 -4.50 10.74 -52.91
N ARG C 45 -3.89 10.91 -51.72
CA ARG C 45 -4.49 10.42 -50.48
C ARG C 45 -5.69 11.28 -50.06
N TYR C 46 -5.63 12.58 -50.34
CA TYR C 46 -6.72 13.50 -50.02
C TYR C 46 -7.04 14.38 -51.23
N ARG C 47 -8.33 14.61 -51.48
CA ARG C 47 -8.79 15.43 -52.60
C ARG C 47 -8.44 16.91 -52.44
N ASP C 48 -8.39 17.35 -51.19
CA ASP C 48 -8.11 18.74 -50.86
C ASP C 48 -6.65 19.09 -50.65
N VAL C 49 -5.76 18.15 -50.93
CA VAL C 49 -4.32 18.40 -50.77
C VAL C 49 -3.62 18.01 -52.06
N SER C 50 -3.20 19.03 -52.81
CA SER C 50 -2.54 18.82 -54.10
C SER C 50 -1.33 19.72 -54.30
N PRO C 51 -0.32 19.23 -55.03
CA PRO C 51 0.89 20.02 -55.30
C PRO C 51 0.63 20.99 -56.45
N PHE C 52 1.20 22.19 -56.37
CA PHE C 52 1.06 23.18 -57.43
C PHE C 52 1.80 22.63 -58.64
N ASP C 53 1.32 22.95 -59.84
CA ASP C 53 1.96 22.50 -61.06
C ASP C 53 3.38 23.04 -61.19
N HIS C 54 3.58 24.30 -60.81
CA HIS C 54 4.91 24.90 -60.96
C HIS C 54 5.99 24.32 -60.05
N SER C 55 5.60 23.72 -58.93
CA SER C 55 6.61 23.16 -58.04
C SER C 55 6.48 21.66 -57.74
N ARG C 56 5.65 20.96 -58.51
CA ARG C 56 5.48 19.52 -58.28
C ARG C 56 6.68 18.70 -58.77
N ILE C 57 6.94 17.59 -58.10
CA ILE C 57 8.03 16.73 -58.53
C ILE C 57 7.50 15.87 -59.67
N LYS C 58 8.27 15.79 -60.75
CA LYS C 58 7.88 14.98 -61.92
C LYS C 58 8.71 13.70 -61.96
N LEU C 59 8.05 12.56 -62.03
CA LEU C 59 8.77 11.29 -62.11
C LEU C 59 9.38 11.21 -63.50
N HIS C 60 10.63 10.72 -63.58
CA HIS C 60 11.30 10.59 -64.87
C HIS C 60 10.89 9.31 -65.58
N GLN C 61 9.64 9.24 -65.99
CA GLN C 61 9.14 8.07 -66.69
C GLN C 61 8.12 8.52 -67.71
N GLU C 62 7.93 7.70 -68.75
CA GLU C 62 6.99 8.02 -69.81
C GLU C 62 5.54 7.67 -69.47
N ASP C 63 5.35 6.65 -68.63
CA ASP C 63 4.01 6.23 -68.25
C ASP C 63 3.14 7.38 -67.73
N ASN C 64 3.42 7.81 -66.51
CA ASN C 64 2.70 8.88 -65.85
C ASN C 64 3.71 9.47 -64.88
N ASP C 65 4.05 10.75 -65.05
CA ASP C 65 5.04 11.40 -64.20
C ASP C 65 4.51 12.03 -62.92
N TYR C 66 3.29 11.71 -62.54
CA TYR C 66 2.71 12.34 -61.36
C TYR C 66 2.86 11.65 -60.01
N ILE C 67 3.18 12.44 -59.00
CA ILE C 67 3.28 11.99 -57.63
C ILE C 67 2.91 13.22 -56.79
N ASN C 68 2.19 13.02 -55.69
CA ASN C 68 1.80 14.13 -54.84
C ASN C 68 2.98 14.55 -53.99
N ALA C 69 3.85 15.38 -54.58
CA ALA C 69 5.06 15.86 -53.90
C ALA C 69 5.43 17.24 -54.43
N SER C 70 5.96 18.08 -53.55
CA SER C 70 6.35 19.45 -53.92
C SER C 70 7.77 19.80 -53.50
N LEU C 71 8.45 20.55 -54.37
CA LEU C 71 9.80 20.99 -54.07
C LEU C 71 9.70 22.38 -53.47
N ILE C 72 10.13 22.52 -52.22
CA ILE C 72 10.10 23.82 -51.57
C ILE C 72 11.55 24.29 -51.54
N LYS C 73 11.84 25.29 -52.35
CA LYS C 73 13.19 25.83 -52.44
C LYS C 73 13.27 27.18 -51.74
N MET C 74 13.91 27.21 -50.56
CA MET C 74 14.06 28.45 -49.81
C MET C 74 15.40 29.09 -50.17
N GLU C 75 15.35 30.03 -51.11
CA GLU C 75 16.54 30.71 -51.59
C GLU C 75 17.39 31.37 -50.51
N GLU C 76 16.76 32.15 -49.63
CA GLU C 76 17.52 32.85 -48.58
C GLU C 76 18.17 31.90 -47.56
N ALA C 77 17.46 30.85 -47.18
CA ALA C 77 17.98 29.89 -46.22
C ALA C 77 18.96 28.94 -46.89
N GLN C 78 18.90 28.88 -48.22
CA GLN C 78 19.78 28.00 -48.99
C GLN C 78 19.53 26.53 -48.68
N ARG C 79 18.26 26.14 -48.65
CA ARG C 79 17.90 24.75 -48.37
C ARG C 79 16.63 24.40 -49.14
N SER C 80 16.59 23.18 -49.67
CA SER C 80 15.42 22.71 -50.39
C SER C 80 14.82 21.53 -49.65
N TYR C 81 13.51 21.36 -49.78
CA TYR C 81 12.82 20.26 -49.13
C TYR C 81 11.79 19.72 -50.09
N ILE C 82 11.51 18.42 -49.99
CA ILE C 82 10.47 17.81 -50.79
C ILE C 82 9.41 17.36 -49.81
N LEU C 83 8.22 17.95 -49.89
CA LEU C 83 7.11 17.59 -49.02
C LEU C 83 6.15 16.74 -49.84
N THR C 84 5.78 15.59 -49.28
CA THR C 84 4.89 14.68 -49.97
C THR C 84 3.94 14.00 -48.97
N GLN C 85 2.89 13.39 -49.49
CA GLN C 85 1.91 12.70 -48.67
C GLN C 85 2.52 11.36 -48.30
N GLY C 86 1.91 10.69 -47.33
CA GLY C 86 2.39 9.38 -46.95
C GLY C 86 2.03 8.50 -48.13
N PRO C 87 3.01 7.77 -48.70
CA PRO C 87 2.70 6.92 -49.84
C PRO C 87 1.56 5.93 -49.62
N LEU C 88 0.80 5.70 -50.70
CA LEU C 88 -0.31 4.77 -50.72
C LEU C 88 0.29 3.45 -51.20
N PRO C 89 -0.44 2.34 -51.03
CA PRO C 89 0.05 1.03 -51.46
C PRO C 89 0.51 1.01 -52.92
N ASN C 90 -0.20 1.77 -53.76
CA ASN C 90 0.11 1.83 -55.19
C ASN C 90 1.09 2.94 -55.58
N THR C 91 1.59 3.71 -54.61
CA THR C 91 2.54 4.76 -54.96
C THR C 91 3.89 4.59 -54.28
N CYS C 92 4.10 3.45 -53.62
CA CYS C 92 5.37 3.19 -52.94
C CYS C 92 6.54 3.14 -53.92
N GLY C 93 6.29 2.60 -55.12
CA GLY C 93 7.34 2.52 -56.13
C GLY C 93 7.67 3.92 -56.65
N HIS C 94 6.64 4.74 -56.81
CA HIS C 94 6.78 6.12 -57.27
C HIS C 94 7.60 6.92 -56.25
N PHE C 95 7.29 6.72 -54.96
CA PHE C 95 7.98 7.39 -53.86
C PHE C 95 9.50 7.18 -53.92
N TRP C 96 9.91 5.93 -54.13
CA TRP C 96 11.35 5.63 -54.18
C TRP C 96 11.98 6.08 -55.49
N GLU C 97 11.20 6.08 -56.57
CA GLU C 97 11.70 6.54 -57.86
C GLU C 97 12.06 8.01 -57.67
N MET C 98 11.18 8.74 -56.98
CA MET C 98 11.41 10.15 -56.72
C MET C 98 12.68 10.33 -55.86
N VAL C 99 12.77 9.58 -54.77
CA VAL C 99 13.93 9.67 -53.90
C VAL C 99 15.21 9.45 -54.71
N TRP C 100 15.16 8.49 -55.63
CA TRP C 100 16.31 8.20 -56.46
C TRP C 100 16.60 9.32 -57.47
N GLU C 101 15.58 9.73 -58.23
CA GLU C 101 15.76 10.75 -59.24
C GLU C 101 16.14 12.12 -58.68
N GLN C 102 15.74 12.41 -57.44
CA GLN C 102 16.06 13.69 -56.82
C GLN C 102 17.31 13.63 -55.98
N LYS C 103 17.92 12.46 -55.94
CA LYS C 103 19.17 12.23 -55.22
C LYS C 103 19.09 12.54 -53.73
N SER C 104 17.89 12.40 -53.18
CA SER C 104 17.70 12.62 -51.75
C SER C 104 18.52 11.61 -50.96
N ARG C 105 19.06 12.05 -49.83
CA ARG C 105 19.89 11.20 -48.96
C ARG C 105 19.10 10.81 -47.71
N GLY C 106 18.07 11.57 -47.39
CA GLY C 106 17.29 11.27 -46.22
C GLY C 106 15.78 11.43 -46.38
N VAL C 107 15.08 10.75 -45.48
CA VAL C 107 13.64 10.79 -45.45
C VAL C 107 13.24 11.04 -44.01
N VAL C 108 12.31 11.96 -43.82
CA VAL C 108 11.82 12.27 -42.50
C VAL C 108 10.33 11.93 -42.51
N MET C 109 9.97 10.97 -41.66
CA MET C 109 8.60 10.51 -41.53
C MET C 109 8.07 10.92 -40.16
N LEU C 110 6.85 11.48 -40.14
CA LEU C 110 6.26 11.95 -38.89
C LEU C 110 4.93 11.31 -38.47
N ASN C 111 4.56 10.19 -39.09
CA ASN C 111 3.32 9.51 -38.75
C ASN C 111 3.35 9.00 -37.31
N ARG C 112 2.23 9.11 -36.60
CA ARG C 112 2.15 8.67 -35.20
C ARG C 112 1.98 7.17 -35.05
N VAL C 113 2.88 6.54 -34.31
CA VAL C 113 2.84 5.10 -34.10
C VAL C 113 1.86 4.64 -33.02
N MET C 114 1.04 3.65 -33.39
CA MET C 114 0.02 3.06 -32.52
C MET C 114 -1.24 3.91 -32.45
N SER C 118 -2.07 1.17 -37.54
CA SER C 118 -3.07 2.00 -38.21
C SER C 118 -2.54 3.37 -38.63
N LEU C 119 -1.45 3.39 -39.40
CA LEU C 119 -0.88 4.65 -39.85
C LEU C 119 -1.55 5.10 -41.15
N LYS C 120 -1.60 6.42 -41.38
CA LYS C 120 -2.14 6.92 -42.63
C LYS C 120 -0.93 6.99 -43.55
N CYS C 121 -0.39 5.82 -43.82
CA CYS C 121 0.78 5.67 -44.66
C CYS C 121 0.93 4.19 -44.96
N ALA C 122 1.42 3.86 -46.14
CA ALA C 122 1.66 2.46 -46.50
C ALA C 122 3.03 2.05 -46.00
N GLN C 123 3.21 0.75 -45.75
CA GLN C 123 4.49 0.22 -45.29
C GLN C 123 5.43 0.22 -46.49
N TYR C 124 6.16 1.32 -46.71
CA TYR C 124 7.05 1.41 -47.86
C TYR C 124 8.52 1.04 -47.67
N TRP C 125 8.87 0.55 -46.48
CA TRP C 125 10.24 0.14 -46.20
C TRP C 125 10.21 -1.23 -45.54
N PRO C 126 11.26 -2.04 -45.74
CA PRO C 126 11.36 -3.39 -45.18
C PRO C 126 11.31 -3.43 -43.65
N GLN C 127 10.55 -4.39 -43.12
CA GLN C 127 10.42 -4.55 -41.69
C GLN C 127 11.57 -5.34 -41.09
N LYS C 128 12.28 -6.10 -41.93
CA LYS C 128 13.42 -6.90 -41.49
C LYS C 128 14.54 -6.92 -42.52
N GLU C 129 15.77 -7.03 -42.03
CA GLU C 129 16.93 -7.07 -42.92
C GLU C 129 16.80 -8.19 -43.95
N GLU C 130 16.34 -9.36 -43.51
CA GLU C 130 16.20 -10.52 -44.40
C GLU C 130 15.01 -10.50 -45.35
N LYS C 131 14.13 -9.52 -45.21
CA LYS C 131 12.98 -9.44 -46.11
C LYS C 131 13.00 -8.14 -46.90
N GLU C 132 13.89 -8.07 -47.88
CA GLU C 132 13.99 -6.86 -48.71
C GLU C 132 12.74 -6.68 -49.58
N MET C 133 12.57 -5.47 -50.08
CA MET C 133 11.41 -5.16 -50.90
C MET C 133 11.83 -4.84 -52.33
N ILE C 134 10.98 -5.24 -53.27
CA ILE C 134 11.24 -4.98 -54.67
C ILE C 134 10.01 -4.31 -55.27
N PHE C 135 10.22 -3.14 -55.88
CA PHE C 135 9.13 -2.43 -56.51
C PHE C 135 9.28 -2.65 -58.00
N GLU C 136 8.53 -3.64 -58.49
CA GLU C 136 8.55 -4.02 -59.88
C GLU C 136 8.20 -2.90 -60.85
N ASP C 137 7.20 -2.10 -60.53
CA ASP C 137 6.79 -1.02 -61.42
C ASP C 137 7.87 0.01 -61.68
N THR C 138 8.75 0.25 -60.72
CA THR C 138 9.78 1.25 -60.93
C THR C 138 11.17 0.62 -60.99
N ASN C 139 11.23 -0.70 -60.87
CA ASN C 139 12.48 -1.45 -60.93
C ASN C 139 13.47 -1.00 -59.85
N LEU C 140 13.03 -1.05 -58.61
CA LEU C 140 13.87 -0.63 -57.49
C LEU C 140 13.87 -1.72 -56.43
N LYS C 141 14.95 -1.74 -55.65
CA LYS C 141 15.10 -2.70 -54.57
C LYS C 141 15.46 -1.91 -53.30
N LEU C 142 14.87 -2.32 -52.18
CA LEU C 142 15.12 -1.65 -50.92
C LEU C 142 15.44 -2.69 -49.86
N THR C 143 16.53 -2.46 -49.14
CA THR C 143 16.95 -3.39 -48.10
C THR C 143 17.21 -2.63 -46.80
N LEU C 144 16.68 -3.15 -45.70
CA LEU C 144 16.94 -2.51 -44.41
C LEU C 144 18.33 -2.96 -43.98
N ILE C 145 19.22 -1.99 -43.72
CA ILE C 145 20.59 -2.31 -43.32
C ILE C 145 20.77 -2.29 -41.81
N SER C 146 20.06 -1.38 -41.13
CA SER C 146 20.12 -1.27 -39.68
C SER C 146 18.97 -0.42 -39.18
N GLU C 147 18.56 -0.66 -37.95
CA GLU C 147 17.46 0.07 -37.35
C GLU C 147 17.71 0.26 -35.86
N ASP C 148 17.63 1.51 -35.40
CA ASP C 148 17.83 1.80 -33.97
C ASP C 148 16.57 2.46 -33.40
N ILE C 149 15.78 1.68 -32.67
CA ILE C 149 14.55 2.18 -32.04
C ILE C 149 14.78 2.92 -30.73
N LYS C 150 14.40 4.20 -30.70
CA LYS C 150 14.52 5.02 -29.51
C LYS C 150 13.12 5.23 -28.95
N SER C 151 13.04 5.96 -27.84
CA SER C 151 11.77 6.23 -27.19
C SER C 151 10.71 6.89 -28.07
N TYR C 152 11.06 7.99 -28.74
CA TYR C 152 10.07 8.65 -29.58
C TYR C 152 10.42 8.78 -31.06
N TYR C 153 11.56 8.23 -31.46
CA TYR C 153 11.93 8.25 -32.87
C TYR C 153 12.77 7.03 -33.20
N THR C 154 12.79 6.69 -34.48
CA THR C 154 13.56 5.56 -34.95
C THR C 154 14.40 5.99 -36.15
N VAL C 155 15.65 5.54 -36.17
CA VAL C 155 16.57 5.87 -37.24
C VAL C 155 16.93 4.59 -37.98
N ARG C 156 16.60 4.54 -39.26
CA ARG C 156 16.88 3.38 -40.07
C ARG C 156 17.88 3.69 -41.18
N GLN C 157 18.73 2.72 -41.46
CA GLN C 157 19.71 2.85 -42.51
C GLN C 157 19.21 1.89 -43.59
N LEU C 158 19.04 2.39 -44.80
CA LEU C 158 18.51 1.59 -45.91
C LEU C 158 19.41 1.64 -47.13
N GLU C 159 19.41 0.58 -47.92
CA GLU C 159 20.17 0.58 -49.15
C GLU C 159 19.16 0.51 -50.29
N LEU C 160 19.16 1.54 -51.14
CA LEU C 160 18.26 1.58 -52.27
C LEU C 160 19.06 1.24 -53.52
N GLU C 161 18.56 0.32 -54.33
CA GLU C 161 19.24 -0.05 -55.55
C GLU C 161 18.37 0.10 -56.78
N ASN C 162 18.88 0.83 -57.76
CA ASN C 162 18.18 1.04 -59.04
C ASN C 162 18.50 -0.25 -59.77
N LEU C 163 17.52 -1.15 -59.90
CA LEU C 163 17.74 -2.42 -60.56
C LEU C 163 18.10 -2.31 -62.04
N THR C 164 17.72 -1.21 -62.67
CA THR C 164 18.03 -1.03 -64.08
C THR C 164 19.52 -0.76 -64.30
N THR C 165 20.16 -0.07 -63.37
CA THR C 165 21.57 0.26 -63.50
C THR C 165 22.46 -0.44 -62.48
N GLN C 166 21.82 -1.07 -61.49
CA GLN C 166 22.52 -1.77 -60.42
C GLN C 166 23.33 -0.84 -59.53
N GLU C 167 23.03 0.45 -59.62
CA GLU C 167 23.69 1.43 -58.78
C GLU C 167 23.01 1.38 -57.42
N THR C 168 23.78 1.65 -56.38
CA THR C 168 23.29 1.61 -55.02
C THR C 168 23.51 2.92 -54.27
N ARG C 169 22.59 3.23 -53.35
CA ARG C 169 22.69 4.43 -52.52
C ARG C 169 22.23 4.18 -51.10
N GLU C 170 22.92 4.76 -50.14
CA GLU C 170 22.52 4.64 -48.75
C GLU C 170 21.54 5.77 -48.41
N ILE C 171 20.41 5.41 -47.82
CA ILE C 171 19.40 6.39 -47.45
C ILE C 171 19.15 6.31 -45.95
N LEU C 172 19.15 7.46 -45.28
CA LEU C 172 18.88 7.50 -43.86
C LEU C 172 17.40 7.86 -43.67
N HIS C 173 16.70 7.05 -42.88
CA HIS C 173 15.28 7.25 -42.64
C HIS C 173 15.09 7.63 -41.18
N PHE C 174 14.48 8.79 -40.95
CA PHE C 174 14.21 9.28 -39.60
C PHE C 174 12.72 9.34 -39.35
N HIS C 175 12.27 8.63 -38.32
CA HIS C 175 10.86 8.57 -38.01
C HIS C 175 10.50 9.02 -36.60
N TYR C 176 9.87 10.20 -36.50
CA TYR C 176 9.42 10.76 -35.23
C TYR C 176 8.05 10.11 -34.99
N THR C 177 7.94 9.36 -33.91
CA THR C 177 6.74 8.58 -33.60
C THR C 177 5.68 9.10 -32.64
N THR C 178 5.89 10.25 -32.04
CA THR C 178 4.92 10.74 -31.07
C THR C 178 4.31 12.08 -31.46
N TRP C 179 4.00 12.25 -32.73
CA TRP C 179 3.41 13.48 -33.23
C TRP C 179 2.06 13.18 -33.85
N PRO C 180 0.97 13.45 -33.12
CA PRO C 180 -0.34 13.16 -33.68
C PRO C 180 -0.76 14.06 -34.85
N ASP C 181 -1.51 13.48 -35.77
CA ASP C 181 -1.99 14.21 -36.93
C ASP C 181 -2.76 15.43 -36.42
N PHE C 182 -2.55 16.57 -37.08
CA PHE C 182 -3.21 17.83 -36.71
C PHE C 182 -2.73 18.35 -35.36
N GLY C 183 -1.80 17.62 -34.75
CA GLY C 183 -1.30 18.02 -33.45
C GLY C 183 0.10 18.58 -33.44
N VAL C 184 0.66 18.66 -32.23
CA VAL C 184 2.01 19.17 -32.02
C VAL C 184 2.80 18.11 -31.25
N PRO C 185 4.13 18.19 -31.31
CA PRO C 185 5.01 17.24 -30.61
C PRO C 185 4.80 17.26 -29.11
N GLU C 186 5.22 16.21 -28.42
CA GLU C 186 5.06 16.14 -26.97
C GLU C 186 5.79 17.28 -26.25
N SER C 187 6.83 17.83 -26.87
CA SER C 187 7.56 18.94 -26.27
C SER C 187 8.50 19.58 -27.28
N PRO C 188 8.87 20.85 -27.06
CA PRO C 188 9.78 21.50 -27.99
C PRO C 188 11.16 20.84 -27.98
N ALA C 189 11.54 20.35 -26.81
CA ALA C 189 12.83 19.70 -26.64
C ALA C 189 12.94 18.42 -27.48
N SER C 190 11.96 17.54 -27.37
CA SER C 190 12.00 16.30 -28.14
C SER C 190 11.98 16.66 -29.62
N PHE C 191 11.16 17.64 -29.98
CA PHE C 191 11.09 18.06 -31.38
C PHE C 191 12.48 18.49 -31.87
N LEU C 192 13.09 19.43 -31.13
CA LEU C 192 14.41 19.96 -31.46
C LEU C 192 15.49 18.87 -31.42
N ASN C 193 15.38 17.95 -30.47
CA ASN C 193 16.35 16.87 -30.36
C ASN C 193 16.31 16.07 -31.67
N PHE C 194 15.11 15.82 -32.17
CA PHE C 194 14.95 15.07 -33.41
C PHE C 194 15.55 15.86 -34.59
N LEU C 195 15.21 17.15 -34.67
CA LEU C 195 15.68 18.02 -35.74
C LEU C 195 17.21 18.02 -35.80
N PHE C 196 17.84 18.17 -34.64
CA PHE C 196 19.29 18.21 -34.56
C PHE C 196 19.95 16.89 -34.97
N LYS C 197 19.31 15.76 -34.64
CA LYS C 197 19.84 14.45 -35.02
C LYS C 197 19.81 14.34 -36.55
N VAL C 198 18.74 14.85 -37.15
CA VAL C 198 18.61 14.81 -38.60
C VAL C 198 19.69 15.69 -39.24
N ARG C 199 19.93 16.84 -38.66
CA ARG C 199 20.95 17.76 -39.17
C ARG C 199 22.35 17.11 -39.03
N GLU C 200 22.61 16.56 -37.85
CA GLU C 200 23.89 15.92 -37.58
C GLU C 200 24.15 14.78 -38.54
N SER C 201 23.12 14.07 -38.96
CA SER C 201 23.28 12.94 -39.89
C SER C 201 23.83 13.36 -41.25
N GLY C 202 23.81 14.66 -41.54
CA GLY C 202 24.30 15.14 -42.83
C GLY C 202 23.25 15.07 -43.93
N SER C 203 22.08 14.52 -43.63
CA SER C 203 21.01 14.39 -44.61
C SER C 203 20.47 15.70 -45.18
N LEU C 204 20.65 16.81 -44.46
CA LEU C 204 20.14 18.10 -44.93
C LEU C 204 21.21 18.90 -45.66
N SER C 205 22.32 18.24 -45.96
CA SER C 205 23.44 18.88 -46.64
C SER C 205 23.14 19.23 -48.07
N PRO C 206 23.73 20.34 -48.57
CA PRO C 206 23.57 20.86 -49.94
C PRO C 206 24.20 19.95 -51.02
N GLU C 207 25.10 19.08 -50.60
CA GLU C 207 25.74 18.15 -51.53
C GLU C 207 24.76 17.05 -51.92
N HIS C 208 23.68 16.94 -51.16
CA HIS C 208 22.66 15.94 -51.42
C HIS C 208 21.44 16.60 -52.03
N GLY C 209 20.52 15.78 -52.55
CA GLY C 209 19.30 16.34 -53.11
C GLY C 209 18.44 16.77 -51.93
N PRO C 210 17.21 17.24 -52.16
CA PRO C 210 16.35 17.66 -51.06
C PRO C 210 15.92 16.50 -50.16
N VAL C 211 15.86 16.75 -48.86
CA VAL C 211 15.40 15.72 -47.94
C VAL C 211 13.90 15.58 -48.21
N VAL C 212 13.40 14.35 -48.14
CA VAL C 212 11.99 14.12 -48.36
C VAL C 212 11.30 14.09 -47.01
N VAL C 213 10.26 14.89 -46.86
CA VAL C 213 9.51 14.97 -45.61
C VAL C 213 8.04 14.64 -45.84
N HIS C 214 7.50 13.77 -44.99
CA HIS C 214 6.10 13.39 -45.09
C HIS C 214 5.51 12.88 -43.78
N ALA C 215 4.18 12.81 -43.77
CA ALA C 215 3.42 12.26 -42.65
C ALA C 215 2.24 11.64 -43.41
N SER C 216 1.04 12.20 -43.29
CA SER C 216 -0.10 11.69 -44.02
C SER C 216 -0.42 12.59 -45.21
N ALA C 217 -0.65 13.87 -44.95
CA ALA C 217 -0.96 14.81 -46.03
C ALA C 217 0.31 15.53 -46.52
N GLY C 218 1.30 15.62 -45.65
CA GLY C 218 2.53 16.30 -46.02
C GLY C 218 2.43 17.82 -46.00
N ILE C 219 1.62 18.37 -45.08
CA ILE C 219 1.48 19.82 -44.96
C ILE C 219 1.51 20.30 -43.51
N GLY C 220 0.77 19.63 -42.63
CA GLY C 220 0.73 20.03 -41.22
C GLY C 220 2.01 19.80 -40.43
N ARG C 221 2.25 18.55 -40.04
CA ARG C 221 3.46 18.21 -39.29
C ARG C 221 4.70 18.40 -40.16
N SER C 222 4.55 18.07 -41.44
CA SER C 222 5.64 18.18 -42.40
C SER C 222 6.07 19.64 -42.58
N GLY C 223 5.09 20.53 -42.53
CA GLY C 223 5.36 21.94 -42.70
C GLY C 223 6.01 22.54 -41.47
N THR C 224 5.60 22.08 -40.30
CA THR C 224 6.16 22.58 -39.06
C THR C 224 7.65 22.27 -39.03
N PHE C 225 7.98 21.03 -39.35
CA PHE C 225 9.36 20.57 -39.37
C PHE C 225 10.24 21.42 -40.29
N CYS C 226 9.76 21.70 -41.48
CA CYS C 226 10.51 22.49 -42.44
C CYS C 226 10.56 23.97 -42.09
N LEU C 227 9.45 24.51 -41.58
CA LEU C 227 9.42 25.91 -41.19
C LEU C 227 10.43 26.15 -40.06
N ALA C 228 10.42 25.28 -39.06
CA ALA C 228 11.34 25.40 -37.92
C ALA C 228 12.80 25.32 -38.38
N ASP C 229 13.11 24.35 -39.21
CA ASP C 229 14.47 24.19 -39.69
C ASP C 229 14.91 25.44 -40.46
N THR C 230 14.06 25.90 -41.38
CA THR C 230 14.37 27.07 -42.18
C THR C 230 14.56 28.34 -41.34
N CYS C 231 13.70 28.55 -40.35
CA CYS C 231 13.84 29.73 -39.50
C CYS C 231 15.12 29.73 -38.68
N LEU C 232 15.58 28.55 -38.26
CA LEU C 232 16.81 28.47 -37.50
C LEU C 232 18.00 28.76 -38.41
N LEU C 233 17.92 28.34 -39.67
CA LEU C 233 18.99 28.60 -40.62
C LEU C 233 19.11 30.10 -40.84
N LEU C 234 17.97 30.73 -41.14
CA LEU C 234 17.93 32.16 -41.39
C LEU C 234 18.49 32.96 -40.22
N MET C 235 18.17 32.54 -39.00
CA MET C 235 18.66 33.24 -37.82
C MET C 235 20.18 33.10 -37.72
N ASP C 236 20.68 31.93 -38.11
CA ASP C 236 22.11 31.67 -38.07
C ASP C 236 22.87 32.55 -39.07
N LYS C 237 22.20 32.94 -40.15
CA LYS C 237 22.81 33.75 -41.20
C LYS C 237 22.66 35.26 -41.06
N ARG C 238 22.17 35.74 -39.91
CA ARG C 238 21.99 37.17 -39.66
C ARG C 238 22.72 37.58 -38.42
N LYS C 239 23.05 38.87 -38.33
CA LYS C 239 23.72 39.41 -37.17
C LYS C 239 22.67 39.46 -36.06
N ASP C 240 21.44 39.79 -36.46
CA ASP C 240 20.32 39.89 -35.53
C ASP C 240 19.23 38.83 -35.80
N PRO C 241 19.31 37.69 -35.10
CA PRO C 241 18.40 36.55 -35.18
C PRO C 241 16.92 36.84 -34.90
N SER C 242 16.66 37.75 -33.97
CA SER C 242 15.28 38.06 -33.60
C SER C 242 14.53 38.83 -34.67
N SER C 243 15.20 39.21 -35.74
CA SER C 243 14.55 39.96 -36.81
C SER C 243 13.84 39.04 -37.81
N VAL C 244 14.05 37.73 -37.70
CA VAL C 244 13.39 36.79 -38.60
C VAL C 244 11.88 36.79 -38.37
N ASP C 245 11.12 36.89 -39.45
CA ASP C 245 9.66 36.95 -39.39
C ASP C 245 9.09 35.59 -39.80
N ILE C 246 8.73 34.78 -38.82
CA ILE C 246 8.18 33.44 -39.05
C ILE C 246 6.97 33.46 -39.99
N LYS C 247 6.10 34.45 -39.81
CA LYS C 247 4.91 34.56 -40.64
C LYS C 247 5.32 34.68 -42.12
N LYS C 248 6.29 35.54 -42.41
CA LYS C 248 6.75 35.73 -43.79
C LYS C 248 7.46 34.51 -44.36
N VAL C 249 8.19 33.82 -43.52
CA VAL C 249 8.89 32.62 -43.98
C VAL C 249 7.87 31.56 -44.39
N LEU C 250 6.75 31.51 -43.66
CA LEU C 250 5.71 30.53 -43.93
C LEU C 250 4.99 30.86 -45.24
N LEU C 251 4.66 32.13 -45.44
CA LEU C 251 3.98 32.55 -46.65
C LEU C 251 4.85 32.26 -47.87
N GLU C 252 6.16 32.41 -47.69
CA GLU C 252 7.13 32.15 -48.74
C GLU C 252 7.06 30.65 -49.07
N MET C 253 7.10 29.82 -48.04
CA MET C 253 7.02 28.38 -48.23
C MET C 253 5.70 27.98 -48.88
N ARG C 254 4.63 28.70 -48.55
CA ARG C 254 3.33 28.40 -49.12
C ARG C 254 3.21 28.74 -50.60
N LYS C 255 4.26 29.29 -51.19
CA LYS C 255 4.24 29.58 -52.61
C LYS C 255 4.52 28.26 -53.34
N PHE C 256 5.15 27.33 -52.64
CA PHE C 256 5.51 26.04 -53.20
C PHE C 256 4.57 24.87 -52.88
N ARG C 257 3.84 24.95 -51.77
CA ARG C 257 2.87 23.90 -51.41
C ARG C 257 1.80 24.47 -50.51
N MET C 258 0.56 24.19 -50.86
CA MET C 258 -0.61 24.69 -50.12
C MET C 258 -0.75 24.15 -48.70
N GLY C 259 -1.41 24.95 -47.86
CA GLY C 259 -1.69 24.59 -46.48
C GLY C 259 -0.59 24.27 -45.50
N LEU C 260 0.64 24.70 -45.74
CA LEU C 260 1.70 24.40 -44.79
C LEU C 260 1.32 24.93 -43.42
N ILE C 261 1.21 23.99 -42.48
CA ILE C 261 0.79 24.26 -41.10
C ILE C 261 -0.72 24.34 -41.13
N GLN C 262 -1.35 23.31 -40.55
CA GLN C 262 -2.80 23.15 -40.52
C GLN C 262 -3.59 23.75 -39.37
N THR C 263 -2.92 24.11 -38.27
CA THR C 263 -3.63 24.66 -37.12
C THR C 263 -2.88 25.82 -36.50
N ALA C 264 -3.61 26.69 -35.82
CA ALA C 264 -2.99 27.83 -35.16
C ALA C 264 -2.05 27.32 -34.06
N ASP C 265 -2.33 26.12 -33.56
CA ASP C 265 -1.49 25.54 -32.51
C ASP C 265 -0.12 25.14 -33.08
N GLN C 266 -0.11 24.67 -34.32
CA GLN C 266 1.14 24.29 -34.95
C GLN C 266 1.95 25.56 -35.22
N LEU C 267 1.26 26.65 -35.53
CA LEU C 267 1.93 27.92 -35.78
C LEU C 267 2.59 28.39 -34.48
N ARG C 268 1.86 28.26 -33.38
CA ARG C 268 2.38 28.67 -32.08
C ARG C 268 3.58 27.80 -31.71
N PHE C 269 3.45 26.48 -31.88
CA PHE C 269 4.55 25.58 -31.57
C PHE C 269 5.81 25.96 -32.35
N SER C 270 5.65 26.22 -33.65
CA SER C 270 6.79 26.60 -34.48
C SER C 270 7.55 27.75 -33.81
N TYR C 271 6.82 28.78 -33.39
CA TYR C 271 7.44 29.92 -32.70
C TYR C 271 8.19 29.45 -31.45
N LEU C 272 7.53 28.61 -30.65
CA LEU C 272 8.15 28.09 -29.45
C LEU C 272 9.45 27.36 -29.78
N ALA C 273 9.38 26.41 -30.70
CA ALA C 273 10.53 25.61 -31.08
C ALA C 273 11.66 26.45 -31.67
N VAL C 274 11.31 27.41 -32.52
CA VAL C 274 12.31 28.27 -33.13
C VAL C 274 12.98 29.14 -32.07
N ILE C 275 12.19 29.65 -31.14
CA ILE C 275 12.73 30.49 -30.09
C ILE C 275 13.63 29.69 -29.17
N GLU C 276 13.19 28.49 -28.79
CA GLU C 276 13.99 27.64 -27.90
C GLU C 276 15.21 27.06 -28.59
N GLY C 277 15.06 26.72 -29.86
CA GLY C 277 16.17 26.17 -30.60
C GLY C 277 17.25 27.21 -30.85
N ALA C 278 16.83 28.46 -31.05
CA ALA C 278 17.75 29.55 -31.30
C ALA C 278 18.65 29.76 -30.08
N LYS C 279 18.04 29.78 -28.91
CA LYS C 279 18.78 29.99 -27.67
C LYS C 279 19.71 28.81 -27.41
N PHE C 280 19.60 27.79 -28.26
CA PHE C 280 20.41 26.59 -28.12
C PHE C 280 21.57 26.58 -29.11
N ILE C 281 21.32 27.06 -30.33
CA ILE C 281 22.35 27.10 -31.37
C ILE C 281 23.23 28.35 -31.21
N MET C 282 22.93 29.16 -30.21
CA MET C 282 23.69 30.38 -29.94
C MET C 282 24.60 30.23 -28.72
N ASP D 10 12.49 -4.42 -11.09
CA ASP D 10 11.50 -3.40 -11.53
C ASP D 10 12.11 -2.58 -12.67
N GLU D 11 11.61 -2.69 -13.83
CA GLU D 11 12.19 -1.96 -14.95
C GLU D 11 11.93 -0.46 -14.87
N TRP D 12 11.10 -0.03 -13.87
CA TRP D 12 10.85 1.39 -13.63
C TRP D 12 11.84 2.06 -12.70
N GLU D 13 12.70 1.27 -12.06
CA GLU D 13 13.69 1.80 -11.14
C GLU D 13 14.76 2.62 -11.87
N VAL D 14 14.94 3.86 -11.43
CA VAL D 14 15.93 4.79 -11.99
C VAL D 14 17.02 5.01 -10.95
N SER D 15 18.28 5.13 -11.37
CA SER D 15 19.37 5.35 -10.43
C SER D 15 19.32 6.81 -9.97
N ARG D 16 19.40 7.00 -8.66
CA ARG D 16 19.31 8.32 -8.03
C ARG D 16 20.18 9.43 -8.63
N GLU D 17 21.44 9.14 -8.92
CA GLU D 17 22.32 10.20 -9.46
C GLU D 17 21.87 10.77 -10.80
N LYS D 18 21.00 10.03 -11.50
CA LYS D 18 20.48 10.49 -12.78
C LYS D 18 19.48 11.64 -12.60
N ILE D 19 19.01 11.84 -11.38
CA ILE D 19 18.03 12.87 -11.11
C ILE D 19 18.54 14.05 -10.29
N THR D 20 18.39 15.25 -10.84
CA THR D 20 18.81 16.46 -10.16
C THR D 20 17.57 17.30 -9.93
N LEU D 21 17.33 17.68 -8.69
CA LEU D 21 16.18 18.51 -8.36
C LEU D 21 16.62 19.95 -8.59
N LEU D 22 15.91 20.64 -9.46
CA LEU D 22 16.21 22.02 -9.79
C LEU D 22 15.47 23.03 -8.94
N ARG D 23 14.18 22.80 -8.72
CA ARG D 23 13.39 23.74 -7.91
C ARG D 23 12.01 23.21 -7.54
N GLU D 24 11.38 23.91 -6.62
CA GLU D 24 10.05 23.54 -6.15
C GLU D 24 9.01 24.01 -7.15
N LEU D 25 8.01 23.17 -7.38
CA LEU D 25 6.93 23.50 -8.30
C LEU D 25 5.65 23.75 -7.53
N GLY D 26 5.62 23.30 -6.29
CA GLY D 26 4.44 23.49 -5.47
C GLY D 26 4.07 22.24 -4.71
N GLN D 27 3.17 22.39 -3.76
CA GLN D 27 2.73 21.29 -2.93
C GLN D 27 1.75 20.37 -3.65
N GLY D 28 1.98 19.06 -3.55
CA GLY D 28 1.10 18.10 -4.18
C GLY D 28 0.24 17.43 -3.11
N SER D 29 -0.35 16.28 -3.43
CA SER D 29 -1.20 15.58 -2.46
C SER D 29 -0.50 15.16 -1.18
N PHE D 30 0.69 14.59 -1.30
CA PHE D 30 1.42 14.12 -0.14
C PHE D 30 2.77 14.75 0.11
N GLY D 31 3.18 15.68 -0.72
CA GLY D 31 4.47 16.32 -0.49
C GLY D 31 4.86 17.26 -1.59
N MET D 32 6.02 17.91 -1.41
CA MET D 32 6.52 18.87 -2.38
C MET D 32 6.85 18.23 -3.72
N VAL D 33 6.40 18.87 -4.79
CA VAL D 33 6.68 18.39 -6.15
C VAL D 33 7.80 19.30 -6.67
N TYR D 34 8.83 18.69 -7.25
CA TYR D 34 9.96 19.45 -7.79
C TYR D 34 10.13 19.29 -9.29
N GLU D 35 10.82 20.26 -9.90
CA GLU D 35 11.14 20.14 -11.30
C GLU D 35 12.56 19.59 -11.24
N GLY D 36 12.82 18.56 -12.02
CA GLY D 36 14.15 17.99 -12.00
C GLY D 36 14.69 17.81 -13.41
N ASN D 37 15.97 17.49 -13.49
CA ASN D 37 16.62 17.26 -14.77
C ASN D 37 17.05 15.81 -14.65
N ALA D 38 16.69 14.99 -15.63
CA ALA D 38 17.06 13.58 -15.59
C ALA D 38 17.95 13.20 -16.77
N ARG D 39 19.12 12.64 -16.47
CA ARG D 39 20.05 12.21 -17.52
C ARG D 39 19.78 10.78 -17.97
N ASP D 40 19.78 10.57 -19.29
CA ASP D 40 19.54 9.25 -19.86
C ASP D 40 18.47 8.40 -19.17
N ILE D 41 17.21 8.83 -19.27
CA ILE D 41 16.12 8.06 -18.69
C ILE D 41 15.18 7.68 -19.83
N ILE D 42 15.35 8.38 -20.95
CA ILE D 42 14.56 8.18 -22.14
C ILE D 42 15.52 7.92 -23.28
N LYS D 43 15.51 6.70 -23.81
CA LYS D 43 16.39 6.33 -24.90
C LYS D 43 16.31 7.33 -26.05
N GLY D 44 17.46 7.77 -26.55
CA GLY D 44 17.48 8.73 -27.63
C GLY D 44 17.55 10.18 -27.19
N GLU D 45 17.40 10.43 -25.90
CA GLU D 45 17.45 11.80 -25.38
C GLU D 45 18.39 11.84 -24.17
N ALA D 46 19.49 12.56 -24.32
CA ALA D 46 20.49 12.68 -23.25
C ALA D 46 19.97 13.28 -21.94
N GLU D 47 19.09 14.26 -22.03
CA GLU D 47 18.55 14.91 -20.85
C GLU D 47 17.08 15.25 -21.02
N THR D 48 16.31 15.01 -19.96
CA THR D 48 14.88 15.25 -19.96
C THR D 48 14.42 16.04 -18.75
N ARG D 49 13.60 17.06 -18.97
CA ARG D 49 13.07 17.82 -17.86
C ARG D 49 11.90 17.00 -17.34
N VAL D 50 11.80 16.84 -16.03
CA VAL D 50 10.74 16.02 -15.46
C VAL D 50 10.14 16.64 -14.22
N ALA D 51 9.13 15.97 -13.69
CA ALA D 51 8.47 16.38 -12.46
C ALA D 51 8.81 15.25 -11.49
N VAL D 52 9.21 15.61 -10.28
CA VAL D 52 9.57 14.62 -9.28
C VAL D 52 8.71 14.82 -8.03
N LYS D 53 8.01 13.77 -7.63
CA LYS D 53 7.14 13.82 -6.46
C LYS D 53 7.81 13.22 -5.22
N THR D 54 7.60 13.85 -4.08
CA THR D 54 8.15 13.38 -2.83
C THR D 54 7.07 13.42 -1.76
N VAL D 55 7.37 12.86 -0.59
CA VAL D 55 6.40 12.84 0.51
C VAL D 55 7.00 13.60 1.71
N ASN D 56 6.20 14.47 2.33
CA ASN D 56 6.68 15.25 3.48
C ASN D 56 7.05 14.32 4.64
N GLU D 57 7.88 14.82 5.55
CA GLU D 57 8.32 14.02 6.69
C GLU D 57 7.19 13.66 7.66
N SER D 58 6.15 14.49 7.69
CA SER D 58 5.03 14.24 8.60
C SER D 58 3.93 13.35 8.02
N ALA D 59 4.15 12.81 6.83
CA ALA D 59 3.15 11.97 6.19
C ALA D 59 2.79 10.75 7.05
N SER D 60 1.50 10.53 7.22
CA SER D 60 1.00 9.40 8.00
C SER D 60 1.19 8.10 7.24
N LEU D 61 0.83 6.99 7.88
CA LEU D 61 0.93 5.68 7.25
C LEU D 61 0.04 5.65 5.99
N ARG D 62 -1.23 6.00 6.16
CA ARG D 62 -2.19 6.02 5.08
C ARG D 62 -1.70 6.87 3.90
N GLU D 63 -1.18 8.05 4.21
CA GLU D 63 -0.67 8.94 3.17
C GLU D 63 0.52 8.34 2.46
N ARG D 64 1.42 7.73 3.23
CA ARG D 64 2.60 7.11 2.64
C ARG D 64 2.18 5.96 1.74
N ILE D 65 1.14 5.25 2.14
CA ILE D 65 0.60 4.13 1.38
C ILE D 65 0.02 4.57 0.03
N GLU D 66 -0.70 5.68 0.02
CA GLU D 66 -1.31 6.18 -1.22
C GLU D 66 -0.25 6.78 -2.14
N PHE D 67 0.76 7.42 -1.55
CA PHE D 67 1.84 8.00 -2.35
C PHE D 67 2.49 6.90 -3.18
N LEU D 68 2.82 5.79 -2.54
CA LEU D 68 3.45 4.67 -3.22
C LEU D 68 2.50 3.96 -4.17
N ASN D 69 1.23 3.90 -3.78
CA ASN D 69 0.22 3.24 -4.59
C ASN D 69 0.05 3.96 -5.94
N GLU D 70 0.09 5.29 -5.90
CA GLU D 70 -0.05 6.07 -7.12
C GLU D 70 1.03 5.68 -8.13
N ALA D 71 2.25 5.45 -7.64
CA ALA D 71 3.35 5.07 -8.53
C ALA D 71 3.09 3.70 -9.13
N SER D 72 2.62 2.77 -8.31
CA SER D 72 2.34 1.42 -8.77
C SER D 72 1.21 1.35 -9.81
N VAL D 73 0.10 2.07 -9.58
CA VAL D 73 -1.02 2.01 -10.54
C VAL D 73 -0.72 2.69 -11.87
N MET D 74 0.03 3.78 -11.83
CA MET D 74 0.33 4.49 -13.06
C MET D 74 1.16 3.67 -14.02
N LYS D 75 1.91 2.71 -13.49
CA LYS D 75 2.73 1.84 -14.33
C LYS D 75 1.89 1.20 -15.43
N GLY D 76 0.61 0.96 -15.13
CA GLY D 76 -0.27 0.34 -16.11
C GLY D 76 -1.11 1.28 -16.97
N PHE D 77 -0.84 2.58 -16.92
CA PHE D 77 -1.62 3.51 -17.72
C PHE D 77 -0.92 3.99 -18.99
N THR D 78 -1.68 4.06 -20.07
CA THR D 78 -1.20 4.55 -21.36
C THR D 78 -2.37 5.28 -22.00
N CYS D 79 -2.44 6.57 -21.75
CA CYS D 79 -3.50 7.40 -22.29
C CYS D 79 -3.00 8.83 -22.46
N HIS D 80 -3.26 9.41 -23.63
CA HIS D 80 -2.80 10.76 -23.94
C HIS D 80 -3.28 11.78 -22.90
N HIS D 81 -4.44 11.53 -22.31
CA HIS D 81 -4.99 12.46 -21.32
C HIS D 81 -4.78 12.03 -19.88
N VAL D 82 -3.68 11.34 -19.64
CA VAL D 82 -3.31 10.90 -18.31
C VAL D 82 -1.81 11.10 -18.20
N VAL D 83 -1.38 11.84 -17.18
CA VAL D 83 0.04 12.10 -16.99
C VAL D 83 0.79 10.79 -16.99
N ARG D 84 1.95 10.79 -17.63
CA ARG D 84 2.75 9.58 -17.74
C ARG D 84 3.80 9.43 -16.63
N LEU D 85 3.97 8.21 -16.15
CA LEU D 85 4.99 7.93 -15.14
C LEU D 85 6.27 7.66 -15.92
N LEU D 86 7.41 8.12 -15.42
CA LEU D 86 8.66 7.86 -16.13
C LEU D 86 9.54 6.89 -15.36
N GLY D 87 9.40 6.87 -14.05
CA GLY D 87 10.20 5.97 -13.24
C GLY D 87 10.19 6.26 -11.75
N VAL D 88 10.90 5.44 -10.98
CA VAL D 88 10.94 5.59 -9.53
C VAL D 88 12.32 5.38 -8.94
N VAL D 89 12.65 6.19 -7.94
CA VAL D 89 13.91 6.05 -7.23
C VAL D 89 13.48 5.50 -5.86
N SER D 90 13.48 4.18 -5.75
CA SER D 90 13.07 3.53 -4.51
C SER D 90 14.23 3.05 -3.66
N LYS D 91 15.44 3.10 -4.22
CA LYS D 91 16.61 2.66 -3.47
C LYS D 91 17.10 3.75 -2.53
N GLY D 92 16.86 3.54 -1.24
CA GLY D 92 17.27 4.52 -0.26
C GLY D 92 16.25 5.63 -0.17
N GLN D 93 16.52 6.60 0.70
CA GLN D 93 15.63 7.72 0.89
C GLN D 93 16.26 8.99 0.36
N PRO D 94 15.44 9.98 -0.03
CA PRO D 94 13.97 9.93 -0.01
C PRO D 94 13.41 9.23 -1.25
N THR D 95 12.21 8.68 -1.14
CA THR D 95 11.60 8.01 -2.28
C THR D 95 11.16 9.06 -3.28
N LEU D 96 11.43 8.83 -4.56
CA LEU D 96 11.08 9.77 -5.62
C LEU D 96 10.25 9.14 -6.72
N VAL D 97 9.17 9.82 -7.11
CA VAL D 97 8.29 9.36 -8.17
C VAL D 97 8.49 10.32 -9.34
N VAL D 98 9.14 9.86 -10.40
CA VAL D 98 9.42 10.71 -11.54
C VAL D 98 8.39 10.65 -12.66
N MET D 99 7.83 11.82 -13.00
CA MET D 99 6.81 11.91 -14.03
C MET D 99 7.13 12.95 -15.12
N GLU D 100 6.40 12.87 -16.23
CA GLU D 100 6.61 13.81 -17.32
C GLU D 100 6.31 15.21 -16.77
N LEU D 101 7.05 16.20 -17.26
CA LEU D 101 6.85 17.56 -16.80
C LEU D 101 5.74 18.23 -17.60
N MET D 102 4.72 18.74 -16.90
CA MET D 102 3.63 19.42 -17.56
C MET D 102 3.97 20.90 -17.47
N ALA D 103 4.37 21.47 -18.60
CA ALA D 103 4.79 22.86 -18.71
C ALA D 103 4.02 23.93 -17.94
N HIS D 104 2.69 23.85 -17.93
CA HIS D 104 1.91 24.87 -17.21
C HIS D 104 1.40 24.50 -15.82
N GLY D 105 2.00 23.47 -15.21
CA GLY D 105 1.60 23.08 -13.86
C GLY D 105 0.21 22.48 -13.71
N ASP D 106 -0.30 22.46 -12.48
CA ASP D 106 -1.63 21.90 -12.24
C ASP D 106 -2.72 22.88 -12.61
N LEU D 107 -3.84 22.34 -13.09
CA LEU D 107 -4.96 23.16 -13.54
C LEU D 107 -5.43 24.26 -12.59
N LYS D 108 -5.46 23.98 -11.29
CA LYS D 108 -5.91 25.00 -10.34
C LYS D 108 -5.00 26.23 -10.35
N SER D 109 -3.70 26.01 -10.17
CA SER D 109 -2.74 27.10 -10.15
C SER D 109 -2.78 27.83 -11.48
N TYR D 110 -2.77 27.08 -12.58
CA TYR D 110 -2.82 27.65 -13.92
C TYR D 110 -4.05 28.57 -14.02
N LEU D 111 -5.20 28.07 -13.59
CA LEU D 111 -6.43 28.85 -13.65
C LEU D 111 -6.33 30.14 -12.85
N ARG D 112 -5.80 30.06 -11.64
CA ARG D 112 -5.68 31.25 -10.80
C ARG D 112 -4.72 32.29 -11.36
N SER D 113 -3.64 31.83 -11.99
CA SER D 113 -2.66 32.75 -12.55
C SER D 113 -3.24 33.50 -13.75
N LEU D 114 -4.42 33.08 -14.20
CA LEU D 114 -5.09 33.70 -15.33
C LEU D 114 -6.08 34.76 -14.89
N ARG D 115 -6.20 34.95 -13.58
CA ARG D 115 -7.11 35.96 -13.02
C ARG D 115 -6.52 37.33 -13.32
N PRO D 116 -7.38 38.34 -13.53
CA PRO D 116 -6.82 39.67 -13.81
C PRO D 116 -5.91 40.16 -12.69
N GLU D 117 -6.24 39.82 -11.45
CA GLU D 117 -5.46 40.26 -10.30
C GLU D 117 -4.29 39.34 -9.92
N ALA D 118 -3.99 38.36 -10.77
CA ALA D 118 -2.89 37.43 -10.49
C ALA D 118 -1.55 38.13 -10.57
N GLU D 119 -0.60 37.68 -9.75
CA GLU D 119 0.74 38.26 -9.71
C GLU D 119 1.72 37.44 -10.55
N ASN D 120 1.34 36.20 -10.85
CA ASN D 120 2.18 35.32 -11.64
C ASN D 120 1.52 35.02 -13.00
N ASN D 121 0.79 35.98 -13.54
CA ASN D 121 0.12 35.81 -14.81
C ASN D 121 1.09 35.35 -15.90
N PRO D 122 0.71 34.28 -16.63
CA PRO D 122 1.58 33.75 -17.70
C PRO D 122 1.49 34.50 -19.04
N GLY D 123 0.99 35.73 -19.01
CA GLY D 123 0.87 36.54 -20.21
C GLY D 123 -0.07 35.94 -21.25
N ARG D 124 -1.20 35.43 -20.76
CA ARG D 124 -2.19 34.77 -21.59
C ARG D 124 -3.56 35.10 -20.99
N PRO D 125 -4.60 35.28 -21.82
CA PRO D 125 -5.93 35.58 -21.28
C PRO D 125 -6.66 34.32 -20.77
N PRO D 126 -7.80 34.51 -20.10
CA PRO D 126 -8.59 33.38 -19.58
C PRO D 126 -9.11 32.46 -20.69
N PRO D 127 -9.53 31.23 -20.34
CA PRO D 127 -10.04 30.25 -21.30
C PRO D 127 -11.33 30.67 -22.00
N THR D 128 -11.36 30.52 -23.32
CA THR D 128 -12.57 30.84 -24.08
C THR D 128 -13.49 29.63 -23.98
N LEU D 129 -14.71 29.79 -24.48
CA LEU D 129 -15.69 28.70 -24.46
C LEU D 129 -15.12 27.47 -25.18
N GLN D 130 -14.55 27.67 -26.35
CA GLN D 130 -13.98 26.57 -27.12
C GLN D 130 -12.89 25.84 -26.33
N GLU D 131 -12.13 26.59 -25.54
CA GLU D 131 -11.08 25.98 -24.74
C GLU D 131 -11.67 25.23 -23.57
N MET D 132 -12.72 25.80 -22.98
CA MET D 132 -13.38 25.16 -21.86
C MET D 132 -13.92 23.79 -22.26
N ILE D 133 -14.58 23.74 -23.41
CA ILE D 133 -15.14 22.51 -23.95
C ILE D 133 -14.05 21.49 -24.23
N GLN D 134 -12.96 21.96 -24.82
CA GLN D 134 -11.82 21.10 -25.14
C GLN D 134 -11.30 20.47 -23.86
N MET D 135 -11.07 21.29 -22.84
CA MET D 135 -10.60 20.81 -21.56
C MET D 135 -11.56 19.78 -20.99
N ALA D 136 -12.86 20.08 -21.09
CA ALA D 136 -13.88 19.19 -20.58
C ALA D 136 -13.77 17.82 -21.21
N ALA D 137 -13.64 17.80 -22.53
CA ALA D 137 -13.55 16.55 -23.27
C ALA D 137 -12.26 15.78 -23.00
N GLU D 138 -11.16 16.50 -22.80
CA GLU D 138 -9.88 15.87 -22.52
C GLU D 138 -9.91 15.23 -21.14
N ILE D 139 -10.53 15.91 -20.19
CA ILE D 139 -10.63 15.37 -18.84
C ILE D 139 -11.59 14.19 -18.81
N ALA D 140 -12.71 14.31 -19.51
CA ALA D 140 -13.68 13.22 -19.56
C ALA D 140 -13.09 11.98 -20.23
N ASP D 141 -12.25 12.21 -21.24
CA ASP D 141 -11.61 11.11 -21.95
C ASP D 141 -10.65 10.35 -21.03
N GLY D 142 -9.85 11.10 -20.27
CA GLY D 142 -8.91 10.50 -19.34
C GLY D 142 -9.66 9.71 -18.29
N MET D 143 -10.76 10.28 -17.82
CA MET D 143 -11.58 9.62 -16.82
C MET D 143 -12.25 8.38 -17.41
N ALA D 144 -12.69 8.49 -18.67
CA ALA D 144 -13.33 7.37 -19.35
C ALA D 144 -12.32 6.23 -19.44
N TYR D 145 -11.07 6.59 -19.68
CA TYR D 145 -10.00 5.60 -19.75
C TYR D 145 -9.82 4.94 -18.39
N LEU D 146 -9.71 5.76 -17.35
CA LEU D 146 -9.51 5.24 -16.00
C LEU D 146 -10.63 4.29 -15.60
N ASN D 147 -11.86 4.67 -15.95
CA ASN D 147 -13.02 3.85 -15.63
C ASN D 147 -12.98 2.53 -16.38
N ALA D 148 -12.47 2.55 -17.60
CA ALA D 148 -12.39 1.33 -18.42
C ALA D 148 -11.36 0.37 -17.82
N LYS D 149 -10.39 0.93 -17.09
CA LYS D 149 -9.37 0.12 -16.44
C LYS D 149 -9.92 -0.36 -15.11
N LYS D 150 -11.15 0.04 -14.82
CA LYS D 150 -11.84 -0.36 -13.60
C LYS D 150 -11.27 0.24 -12.33
N PHE D 151 -11.14 1.56 -12.32
CA PHE D 151 -10.66 2.29 -11.16
C PHE D 151 -11.63 3.43 -10.95
N VAL D 152 -11.86 3.80 -9.69
CA VAL D 152 -12.71 4.93 -9.35
C VAL D 152 -11.68 5.94 -8.87
N HIS D 153 -11.77 7.18 -9.33
CA HIS D 153 -10.79 8.19 -8.96
C HIS D 153 -10.96 8.75 -7.54
N ARG D 154 -12.19 9.08 -7.18
CA ARG D 154 -12.52 9.59 -5.84
C ARG D 154 -12.02 10.98 -5.46
N ASP D 155 -11.03 11.52 -6.16
CA ASP D 155 -10.52 12.83 -5.80
C ASP D 155 -10.32 13.75 -7.01
N LEU D 156 -11.27 13.71 -7.93
CA LEU D 156 -11.19 14.54 -9.13
C LEU D 156 -11.32 16.00 -8.76
N ALA D 157 -10.35 16.80 -9.16
CA ALA D 157 -10.34 18.24 -8.88
C ALA D 157 -9.31 18.96 -9.73
N ALA D 158 -9.50 20.26 -9.94
CA ALA D 158 -8.58 21.03 -10.76
C ALA D 158 -7.13 20.85 -10.30
N ARG D 159 -6.91 20.81 -8.98
CA ARG D 159 -5.56 20.66 -8.45
C ARG D 159 -4.89 19.34 -8.83
N ASN D 160 -5.69 18.34 -9.18
CA ASN D 160 -5.15 17.03 -9.54
C ASN D 160 -5.07 16.82 -11.05
N CYS D 161 -5.25 17.90 -11.81
CA CYS D 161 -5.16 17.86 -13.27
C CYS D 161 -3.98 18.74 -13.63
N MET D 162 -3.32 18.44 -14.75
CA MET D 162 -2.17 19.21 -15.21
C MET D 162 -2.40 19.81 -16.60
N VAL D 163 -1.60 20.80 -16.94
CA VAL D 163 -1.71 21.48 -18.23
C VAL D 163 -0.36 21.42 -18.98
N ALA D 164 -0.40 20.86 -20.19
CA ALA D 164 0.79 20.71 -21.03
C ALA D 164 1.16 21.99 -21.81
N HIS D 165 2.25 21.94 -22.56
CA HIS D 165 2.71 23.11 -23.32
C HIS D 165 1.73 23.61 -24.37
N ASP D 166 0.86 22.74 -24.84
CA ASP D 166 -0.14 23.12 -25.83
C ASP D 166 -1.51 23.21 -25.13
N PHE D 167 -1.43 23.36 -23.81
CA PHE D 167 -2.59 23.49 -22.93
C PHE D 167 -3.49 22.27 -22.77
N THR D 168 -3.06 21.14 -23.30
CA THR D 168 -3.83 19.90 -23.14
C THR D 168 -3.92 19.58 -21.65
N VAL D 169 -5.10 19.23 -21.17
CA VAL D 169 -5.27 18.89 -19.76
C VAL D 169 -5.18 17.37 -19.58
N LYS D 170 -4.51 16.91 -18.53
CA LYS D 170 -4.40 15.47 -18.25
C LYS D 170 -4.62 15.22 -16.77
N ILE D 171 -5.12 14.02 -16.44
CA ILE D 171 -5.32 13.65 -15.04
C ILE D 171 -3.94 13.27 -14.55
N GLY D 172 -3.47 13.88 -13.46
CA GLY D 172 -2.13 13.55 -13.00
C GLY D 172 -1.88 13.20 -11.56
N ASP D 173 -2.94 12.90 -10.81
CA ASP D 173 -2.80 12.53 -9.42
C ASP D 173 -3.84 11.47 -9.10
N PHE D 174 -3.40 10.32 -8.59
CA PHE D 174 -4.29 9.22 -8.26
C PHE D 174 -4.10 8.78 -6.81
N GLY D 175 -3.95 9.76 -5.92
CA GLY D 175 -3.74 9.46 -4.52
C GLY D 175 -4.88 8.78 -3.78
N MET D 176 -6.09 8.79 -4.35
CA MET D 176 -7.23 8.16 -3.68
C MET D 176 -7.92 7.11 -4.53
N THR D 177 -7.36 6.85 -5.70
CA THR D 177 -7.91 5.88 -6.63
C THR D 177 -8.04 4.48 -6.02
N ARG D 178 -9.15 3.81 -6.34
CA ARG D 178 -9.41 2.46 -5.85
C ARG D 178 -9.89 1.52 -6.96
N ASP D 179 -9.58 0.24 -6.81
CA ASP D 179 -10.00 -0.76 -7.78
C ASP D 179 -11.48 -1.09 -7.58
N ILE D 180 -12.21 -1.23 -8.69
CA ILE D 180 -13.63 -1.55 -8.62
C ILE D 180 -13.97 -2.65 -9.62
N PTR D 181 -12.99 -3.46 -9.95
CA PTR D 181 -13.18 -4.55 -10.92
C PTR D 181 -14.33 -5.50 -10.58
O PTR D 181 -15.15 -5.81 -11.44
CB PTR D 181 -11.89 -5.35 -11.05
CG PTR D 181 -11.99 -6.55 -11.97
CD1 PTR D 181 -12.24 -6.40 -13.34
CD2 PTR D 181 -11.84 -7.83 -11.45
CE1 PTR D 181 -12.34 -7.53 -14.18
CE2 PTR D 181 -11.95 -8.96 -12.28
CZ PTR D 181 -12.19 -8.80 -13.64
OH PTR D 181 -12.29 -9.94 -14.42
P PTR D 181 -12.12 -10.14 -16.04
O1P PTR D 181 -13.14 -9.22 -16.63
O2P PTR D 181 -10.70 -9.76 -16.25
O3P PTR D 181 -12.42 -11.59 -16.23
N GLU D 182 -14.40 -5.93 -9.33
CA GLU D 182 -15.44 -6.88 -8.92
C GLU D 182 -16.82 -6.35 -8.56
N THR D 183 -16.93 -5.08 -8.15
CA THR D 183 -18.23 -4.55 -7.76
C THR D 183 -18.67 -3.24 -8.39
N ASP D 184 -17.73 -2.53 -9.02
CA ASP D 184 -18.02 -1.24 -9.65
C ASP D 184 -18.25 -0.10 -8.65
N PTR D 185 -17.73 -0.26 -7.43
CA PTR D 185 -17.87 0.77 -6.42
C PTR D 185 -16.93 0.53 -5.25
O PTR D 185 -16.39 -0.56 -5.09
CB PTR D 185 -19.33 0.88 -5.94
CG PTR D 185 -19.75 -0.13 -4.90
CD1 PTR D 185 -19.45 0.06 -3.54
CD2 PTR D 185 -20.45 -1.28 -5.26
CE1 PTR D 185 -19.85 -0.87 -2.58
CE2 PTR D 185 -20.84 -2.21 -4.31
CZ PTR D 185 -20.54 -2.00 -2.97
OH PTR D 185 -20.92 -2.96 -2.05
P PTR D 185 -21.68 -2.82 -0.63
O1P PTR D 185 -20.64 -2.25 0.26
O2P PTR D 185 -22.04 -4.24 -0.33
O3P PTR D 185 -22.86 -1.94 -0.93
N PTR D 186 -16.74 1.56 -4.44
CA PTR D 186 -15.88 1.48 -3.26
C PTR D 186 -16.58 2.16 -2.10
O PTR D 186 -17.07 3.29 -2.23
CB PTR D 186 -14.52 2.14 -3.55
CG PTR D 186 -13.67 2.35 -2.33
CD1 PTR D 186 -13.82 3.49 -1.53
CD2 PTR D 186 -12.71 1.41 -1.95
CE1 PTR D 186 -13.04 3.69 -0.40
CE2 PTR D 186 -11.91 1.60 -0.81
CZ PTR D 186 -12.09 2.75 -0.04
OH PTR D 186 -11.34 2.99 1.08
P PTR D 186 -10.28 2.07 1.97
O1P PTR D 186 -11.19 1.31 2.87
O2P PTR D 186 -9.51 1.24 0.98
O3P PTR D 186 -9.51 3.15 2.63
N ARG D 187 -16.62 1.49 -0.95
CA ARG D 187 -17.26 2.06 0.23
C ARG D 187 -16.21 2.40 1.28
N LYS D 188 -16.32 3.60 1.83
CA LYS D 188 -15.39 4.08 2.86
C LYS D 188 -15.71 3.45 4.22
N GLY D 189 -14.90 2.47 4.61
CA GLY D 189 -15.11 1.80 5.89
C GLY D 189 -14.83 2.67 7.09
N GLY D 190 -13.56 2.98 7.32
CA GLY D 190 -13.17 3.81 8.46
C GLY D 190 -13.35 5.29 8.23
N LYS D 191 -12.48 6.08 8.86
CA LYS D 191 -12.54 7.54 8.73
C LYS D 191 -11.33 8.09 7.98
N GLY D 192 -11.22 9.42 7.95
CA GLY D 192 -10.11 10.04 7.26
C GLY D 192 -10.55 11.31 6.54
N LEU D 193 -9.61 12.24 6.36
CA LEU D 193 -9.88 13.51 5.69
C LEU D 193 -10.30 13.31 4.24
N LEU D 194 -11.37 14.00 3.85
CA LEU D 194 -11.90 13.89 2.49
C LEU D 194 -12.19 15.28 1.93
N PRO D 195 -12.12 15.43 0.61
CA PRO D 195 -12.40 16.72 -0.05
C PRO D 195 -13.92 16.94 -0.19
N VAL D 196 -14.54 17.36 0.92
CA VAL D 196 -15.98 17.57 1.00
C VAL D 196 -16.63 18.44 -0.08
N ARG D 197 -15.95 19.49 -0.53
CA ARG D 197 -16.53 20.37 -1.53
C ARG D 197 -16.59 19.79 -2.95
N TRP D 198 -15.99 18.60 -3.14
CA TRP D 198 -15.97 17.92 -4.44
C TRP D 198 -16.68 16.59 -4.37
N MET D 199 -17.36 16.31 -3.27
CA MET D 199 -18.03 15.03 -3.13
C MET D 199 -19.53 14.99 -3.43
N ALA D 200 -19.96 13.87 -4.02
CA ALA D 200 -21.37 13.68 -4.36
C ALA D 200 -22.15 13.34 -3.10
N PRO D 201 -23.46 13.65 -3.07
CA PRO D 201 -24.28 13.36 -1.90
C PRO D 201 -24.22 11.93 -1.34
N GLU D 202 -24.26 10.93 -2.20
CA GLU D 202 -24.20 9.55 -1.73
C GLU D 202 -22.84 9.24 -1.11
N SER D 203 -21.81 9.99 -1.53
CA SER D 203 -20.46 9.78 -1.00
C SER D 203 -20.32 10.42 0.37
N LEU D 204 -20.97 11.57 0.56
CA LEU D 204 -20.93 12.28 1.83
C LEU D 204 -21.76 11.52 2.85
N LYS D 205 -22.85 10.94 2.38
CA LYS D 205 -23.76 10.20 3.25
C LYS D 205 -23.30 8.79 3.61
N ASP D 206 -23.15 7.93 2.61
CA ASP D 206 -22.76 6.55 2.85
C ASP D 206 -21.32 6.21 2.60
N GLY D 207 -20.55 7.16 2.07
CA GLY D 207 -19.15 6.89 1.79
C GLY D 207 -19.02 5.95 0.61
N VAL D 208 -20.00 5.99 -0.30
CA VAL D 208 -19.98 5.15 -1.49
C VAL D 208 -19.42 5.91 -2.69
N PHE D 209 -18.42 5.34 -3.37
CA PHE D 209 -17.82 5.98 -4.53
C PHE D 209 -17.91 5.15 -5.80
N THR D 210 -18.33 5.80 -6.88
CA THR D 210 -18.47 5.16 -8.18
C THR D 210 -18.03 6.07 -9.31
N THR D 211 -18.08 5.56 -10.54
CA THR D 211 -17.70 6.37 -11.67
C THR D 211 -18.70 7.52 -11.70
N SER D 212 -19.89 7.25 -11.16
CA SER D 212 -20.93 8.26 -11.11
C SER D 212 -20.63 9.37 -10.09
N SER D 213 -20.05 9.02 -8.94
CA SER D 213 -19.72 10.06 -7.98
C SER D 213 -18.53 10.83 -8.57
N ASP D 214 -17.75 10.17 -9.41
CA ASP D 214 -16.61 10.81 -10.09
C ASP D 214 -17.19 11.82 -11.09
N MET D 215 -18.34 11.50 -11.66
CA MET D 215 -18.98 12.40 -12.61
C MET D 215 -19.37 13.67 -11.88
N TRP D 216 -19.85 13.52 -10.65
CA TRP D 216 -20.23 14.68 -9.85
C TRP D 216 -19.02 15.60 -9.73
N SER D 217 -17.87 15.03 -9.37
CA SER D 217 -16.63 15.79 -9.21
C SER D 217 -16.23 16.52 -10.50
N PHE D 218 -16.38 15.82 -11.62
CA PHE D 218 -16.07 16.37 -12.93
C PHE D 218 -16.82 17.70 -13.11
N GLY D 219 -18.10 17.72 -12.71
CA GLY D 219 -18.91 18.91 -12.80
C GLY D 219 -18.35 20.06 -11.98
N VAL D 220 -17.82 19.75 -10.80
CA VAL D 220 -17.23 20.77 -9.95
C VAL D 220 -15.94 21.30 -10.62
N VAL D 221 -15.23 20.43 -11.33
CA VAL D 221 -14.00 20.84 -12.02
C VAL D 221 -14.37 21.82 -13.15
N LEU D 222 -15.50 21.59 -13.80
CA LEU D 222 -15.93 22.50 -14.86
C LEU D 222 -16.27 23.82 -14.16
N TRP D 223 -16.79 23.73 -12.94
CA TRP D 223 -17.12 24.91 -12.19
C TRP D 223 -15.83 25.69 -11.88
N GLU D 224 -14.79 24.96 -11.47
CA GLU D 224 -13.50 25.56 -11.15
C GLU D 224 -12.94 26.28 -12.38
N ILE D 225 -13.14 25.66 -13.54
CA ILE D 225 -12.67 26.24 -14.78
C ILE D 225 -13.38 27.56 -15.11
N THR D 226 -14.71 27.56 -15.01
CA THR D 226 -15.47 28.76 -15.31
C THR D 226 -15.34 29.87 -14.26
N SER D 227 -14.75 29.58 -13.10
CA SER D 227 -14.58 30.58 -12.04
C SER D 227 -13.11 30.86 -11.77
N LEU D 228 -12.24 30.26 -12.56
CA LEU D 228 -10.79 30.40 -12.41
C LEU D 228 -10.34 29.94 -11.03
N ALA D 229 -10.67 28.70 -10.72
CA ALA D 229 -10.30 28.05 -9.47
C ALA D 229 -10.69 28.79 -8.20
N GLU D 230 -11.96 29.16 -8.11
CA GLU D 230 -12.48 29.84 -6.94
C GLU D 230 -12.86 28.69 -6.01
N GLN D 231 -13.05 28.97 -4.72
CA GLN D 231 -13.42 27.89 -3.80
C GLN D 231 -14.89 27.51 -3.96
N PRO D 232 -15.17 26.21 -4.19
CA PRO D 232 -16.56 25.79 -4.34
C PRO D 232 -17.33 26.11 -3.05
N TYR D 233 -18.56 26.59 -3.20
CA TYR D 233 -19.40 26.94 -2.07
C TYR D 233 -18.72 27.95 -1.15
N GLN D 234 -18.10 28.97 -1.73
CA GLN D 234 -17.44 29.99 -0.93
C GLN D 234 -18.54 30.67 -0.10
N GLY D 235 -18.27 30.88 1.18
CA GLY D 235 -19.27 31.49 2.03
C GLY D 235 -19.88 30.50 3.00
N LEU D 236 -19.66 29.21 2.72
CA LEU D 236 -20.15 28.14 3.58
C LEU D 236 -18.99 27.36 4.16
N SER D 237 -19.20 26.79 5.34
CA SER D 237 -18.18 25.97 6.00
C SER D 237 -18.32 24.55 5.45
N ASN D 238 -17.37 23.70 5.78
CA ASN D 238 -17.43 22.32 5.31
C ASN D 238 -18.69 21.65 5.85
N GLU D 239 -18.96 21.85 7.15
CA GLU D 239 -20.15 21.26 7.77
C GLU D 239 -21.43 21.68 7.04
N GLN D 240 -21.49 22.95 6.65
CA GLN D 240 -22.67 23.46 5.93
C GLN D 240 -22.74 22.85 4.54
N VAL D 241 -21.59 22.74 3.89
CA VAL D 241 -21.53 22.17 2.56
C VAL D 241 -22.01 20.72 2.64
N LEU D 242 -21.42 19.97 3.54
CA LEU D 242 -21.77 18.58 3.77
C LEU D 242 -23.28 18.42 3.89
N LYS D 243 -23.90 19.27 4.70
CA LYS D 243 -25.34 19.23 4.91
C LYS D 243 -26.11 19.74 3.68
N PHE D 244 -25.61 20.80 3.07
CA PHE D 244 -26.23 21.40 1.90
C PHE D 244 -26.34 20.45 0.70
N VAL D 245 -25.23 19.80 0.37
CA VAL D 245 -25.20 18.87 -0.75
C VAL D 245 -26.05 17.62 -0.53
N MET D 246 -26.00 17.06 0.69
CA MET D 246 -26.79 15.87 1.00
C MET D 246 -28.28 16.19 1.02
N ASP D 247 -28.63 17.47 1.15
CA ASP D 247 -30.02 17.87 1.17
C ASP D 247 -30.53 18.34 -0.19
N GLY D 248 -29.76 18.07 -1.24
CA GLY D 248 -30.18 18.46 -2.58
C GLY D 248 -29.68 19.79 -3.13
N GLY D 249 -28.69 20.38 -2.49
CA GLY D 249 -28.17 21.64 -2.99
C GLY D 249 -26.95 21.43 -3.87
N TYR D 250 -26.70 22.38 -4.77
CA TYR D 250 -25.54 22.28 -5.63
C TYR D 250 -24.98 23.66 -5.99
N LEU D 251 -23.80 23.67 -6.59
CA LEU D 251 -23.13 24.91 -6.97
C LEU D 251 -23.94 25.79 -7.92
N ASP D 252 -23.76 27.10 -7.78
CA ASP D 252 -24.42 28.07 -8.64
C ASP D 252 -23.52 28.35 -9.84
N GLN D 253 -24.04 29.05 -10.83
CA GLN D 253 -23.27 29.34 -12.03
C GLN D 253 -22.45 30.63 -11.92
N PRO D 254 -21.14 30.54 -12.10
CA PRO D 254 -20.31 31.75 -12.00
C PRO D 254 -20.65 32.74 -13.09
N ASP D 255 -20.63 34.03 -12.75
CA ASP D 255 -20.94 35.07 -13.73
C ASP D 255 -20.11 34.76 -14.97
N ASN D 256 -20.63 35.11 -16.14
CA ASN D 256 -19.94 34.86 -17.40
C ASN D 256 -19.63 33.39 -17.70
N CYS D 257 -20.29 32.47 -17.01
CA CYS D 257 -20.08 31.04 -17.29
C CYS D 257 -20.96 30.72 -18.48
N PRO D 258 -20.35 30.28 -19.61
CA PRO D 258 -21.13 29.96 -20.79
C PRO D 258 -22.34 29.08 -20.45
N GLU D 259 -23.47 29.36 -21.07
CA GLU D 259 -24.70 28.60 -20.83
C GLU D 259 -24.52 27.14 -21.23
N ARG D 260 -23.77 26.91 -22.29
CA ARG D 260 -23.53 25.56 -22.78
C ARG D 260 -22.74 24.71 -21.78
N VAL D 261 -21.88 25.34 -21.00
CA VAL D 261 -21.09 24.60 -20.02
C VAL D 261 -21.96 24.37 -18.80
N THR D 262 -22.87 25.30 -18.54
CA THR D 262 -23.78 25.20 -17.40
C THR D 262 -24.66 23.97 -17.58
N ASP D 263 -25.01 23.67 -18.82
CA ASP D 263 -25.85 22.51 -19.11
C ASP D 263 -25.11 21.22 -18.79
N LEU D 264 -23.78 21.26 -18.89
CA LEU D 264 -22.97 20.08 -18.59
C LEU D 264 -22.94 19.86 -17.10
N MET D 265 -22.69 20.95 -16.37
CA MET D 265 -22.65 20.90 -14.91
C MET D 265 -23.95 20.34 -14.36
N ARG D 266 -25.06 20.88 -14.86
CA ARG D 266 -26.38 20.45 -14.44
C ARG D 266 -26.50 18.94 -14.46
N MET D 267 -26.17 18.31 -15.59
CA MET D 267 -26.28 16.87 -15.66
C MET D 267 -25.31 16.11 -14.75
N CYS D 268 -24.21 16.75 -14.36
CA CYS D 268 -23.26 16.11 -13.44
C CYS D 268 -23.74 16.20 -12.00
N TRP D 269 -24.63 17.15 -11.72
CA TRP D 269 -25.12 17.33 -10.36
C TRP D 269 -26.54 16.81 -10.10
N GLN D 270 -26.90 15.75 -10.80
CA GLN D 270 -28.19 15.11 -10.60
C GLN D 270 -28.07 14.42 -9.24
N PHE D 271 -29.06 14.58 -8.37
CA PHE D 271 -28.97 13.96 -7.07
C PHE D 271 -28.86 12.44 -7.18
N ASN D 272 -29.64 11.84 -8.07
CA ASN D 272 -29.56 10.38 -8.25
C ASN D 272 -28.38 10.04 -9.17
N PRO D 273 -27.41 9.28 -8.64
CA PRO D 273 -26.23 8.90 -9.43
C PRO D 273 -26.53 8.18 -10.75
N ASN D 274 -27.68 7.51 -10.80
CA ASN D 274 -28.07 6.78 -11.99
C ASN D 274 -28.55 7.71 -13.10
N MET D 275 -28.81 8.96 -12.74
CA MET D 275 -29.26 9.96 -13.69
C MET D 275 -28.09 10.70 -14.34
N ARG D 276 -26.93 10.60 -13.72
CA ARG D 276 -25.74 11.27 -14.23
C ARG D 276 -25.17 10.54 -15.43
N PRO D 277 -24.61 11.28 -16.38
CA PRO D 277 -24.01 10.69 -17.58
C PRO D 277 -22.69 9.99 -17.29
N THR D 278 -22.22 9.17 -18.22
CA THR D 278 -20.95 8.51 -18.05
C THR D 278 -19.94 9.40 -18.77
N PHE D 279 -18.66 9.16 -18.54
CA PHE D 279 -17.64 9.98 -19.18
C PHE D 279 -17.65 9.78 -20.68
N LEU D 280 -17.96 8.57 -21.13
CA LEU D 280 -18.02 8.31 -22.56
C LEU D 280 -19.16 9.09 -23.19
N GLU D 281 -20.22 9.30 -22.43
CA GLU D 281 -21.37 10.08 -22.91
C GLU D 281 -20.97 11.53 -23.04
N ILE D 282 -20.21 12.02 -22.07
CA ILE D 282 -19.76 13.41 -22.10
C ILE D 282 -18.98 13.65 -23.38
N VAL D 283 -17.98 12.81 -23.63
CA VAL D 283 -17.15 12.94 -24.81
C VAL D 283 -18.00 12.83 -26.06
N ASN D 284 -18.94 11.89 -26.07
CA ASN D 284 -19.77 11.71 -27.24
C ASN D 284 -20.59 12.96 -27.49
N LEU D 285 -21.02 13.59 -26.40
CA LEU D 285 -21.82 14.80 -26.49
C LEU D 285 -21.02 15.96 -27.10
N LEU D 286 -19.73 16.02 -26.79
CA LEU D 286 -18.88 17.10 -27.25
C LEU D 286 -18.04 16.83 -28.49
N LYS D 287 -18.00 15.58 -28.96
CA LYS D 287 -17.16 15.20 -30.09
C LYS D 287 -17.15 16.06 -31.38
N ASP D 288 -18.25 16.74 -31.70
CA ASP D 288 -18.27 17.55 -32.91
C ASP D 288 -17.78 18.98 -32.71
N ASP D 289 -17.33 19.30 -31.50
CA ASP D 289 -16.85 20.65 -31.20
C ASP D 289 -15.44 20.64 -30.65
N LEU D 290 -14.60 19.71 -31.10
CA LEU D 290 -13.24 19.60 -30.59
C LEU D 290 -12.11 19.87 -31.59
N HIS D 291 -10.88 19.91 -31.10
CA HIS D 291 -9.70 20.14 -31.93
C HIS D 291 -9.56 18.96 -32.89
N PRO D 292 -9.04 19.20 -34.11
CA PRO D 292 -8.85 18.15 -35.12
C PRO D 292 -8.02 16.97 -34.65
N SER D 293 -7.11 17.21 -33.71
CA SER D 293 -6.26 16.14 -33.21
C SER D 293 -6.92 15.20 -32.22
N PHE D 294 -8.09 15.57 -31.70
CA PHE D 294 -8.76 14.74 -30.70
C PHE D 294 -8.96 13.25 -31.06
N PRO D 295 -9.53 12.96 -32.24
CA PRO D 295 -9.76 11.56 -32.62
C PRO D 295 -8.44 10.79 -32.78
N GLU D 296 -7.36 11.53 -32.98
CA GLU D 296 -6.05 10.91 -33.14
C GLU D 296 -5.49 10.41 -31.80
N VAL D 297 -5.81 11.12 -30.72
CA VAL D 297 -5.28 10.76 -29.42
C VAL D 297 -6.22 10.24 -28.34
N SER D 298 -7.51 10.52 -28.47
CA SER D 298 -8.46 10.10 -27.45
C SER D 298 -8.62 8.60 -27.25
N PHE D 299 -9.05 8.24 -26.05
CA PHE D 299 -9.32 6.86 -25.70
C PHE D 299 -10.66 6.56 -26.37
N PHE D 300 -11.55 7.56 -26.35
CA PHE D 300 -12.87 7.44 -26.94
C PHE D 300 -12.84 6.92 -28.38
N HIS D 301 -11.97 7.47 -29.21
CA HIS D 301 -11.89 7.04 -30.61
C HIS D 301 -10.94 5.84 -30.84
N SER D 302 -10.18 5.48 -29.81
CA SER D 302 -9.23 4.37 -29.90
C SER D 302 -9.91 3.00 -30.02
N GLU D 303 -9.17 2.04 -30.57
CA GLU D 303 -9.68 0.68 -30.74
C GLU D 303 -9.89 -0.02 -29.39
N GLU D 304 -9.18 0.46 -28.36
CA GLU D 304 -9.29 -0.10 -27.02
C GLU D 304 -10.64 0.20 -26.39
N ASN D 305 -11.35 1.20 -26.91
CA ASN D 305 -12.67 1.53 -26.37
C ASN D 305 -13.69 0.71 -27.15
N LYS D 306 -14.00 -0.47 -26.62
CA LYS D 306 -14.95 -1.38 -27.25
C LYS D 306 -16.03 -1.79 -26.27
S SO4 E . -8.02 -19.78 39.04
O1 SO4 E . -9.35 -19.35 38.58
O2 SO4 E . -7.57 -18.87 40.11
O3 SO4 E . -8.10 -21.16 39.56
O4 SO4 E . -7.06 -19.70 37.93
S SO4 F . -3.90 -31.07 41.82
O1 SO4 F . -3.15 -31.98 42.71
O2 SO4 F . -3.11 -29.84 41.57
O3 SO4 F . -4.17 -31.71 40.53
O4 SO4 F . -5.18 -30.71 42.47
S SO4 G . -12.51 -16.63 33.48
O1 SO4 G . -13.18 -17.28 32.34
O2 SO4 G . -11.32 -15.90 33.03
O3 SO4 G . -13.47 -15.71 34.10
O4 SO4 G . -12.11 -17.66 34.45
S SO4 H . -27.47 -20.43 49.85
O1 SO4 H . -26.68 -20.91 51.00
O2 SO4 H . -27.11 -19.02 49.54
O3 SO4 H . -27.19 -21.29 48.69
O4 SO4 H . -28.90 -20.50 50.18
S SO4 I . -21.66 -16.75 37.13
O1 SO4 I . -21.13 -16.46 38.48
O2 SO4 I . -20.64 -17.50 36.36
O3 SO4 I . -22.88 -17.57 37.25
O4 SO4 I . -21.97 -15.49 36.43
S SO4 J . 4.58 -42.66 16.24
O1 SO4 J . 4.75 -44.09 16.58
O2 SO4 J . 3.34 -42.52 15.45
O3 SO4 J . 4.49 -41.84 17.46
O4 SO4 J . 5.75 -42.22 15.44
S SO4 K . 0.84 16.18 -42.23
O1 SO4 K . 2.24 16.35 -42.66
O2 SO4 K . -0.03 17.06 -43.02
O3 SO4 K . 0.47 14.78 -42.42
O4 SO4 K . 0.70 16.53 -40.80
S SO4 L . -5.44 26.26 -45.60
O1 SO4 L . -5.19 25.24 -46.64
O2 SO4 L . -4.40 26.16 -44.54
O3 SO4 L . -5.39 27.59 -46.21
O4 SO4 L . -6.76 26.03 -45.00
S SO4 M . -0.93 9.34 -38.78
O1 SO4 M . -1.11 10.44 -39.74
O2 SO4 M . -0.13 9.82 -37.63
O3 SO4 M . -2.27 8.91 -38.31
O4 SO4 M . -0.25 8.22 -39.42
S SO4 N . -3.28 3.44 -46.55
O1 SO4 N . -4.08 3.07 -47.74
O2 SO4 N . -3.03 2.23 -45.73
O3 SO4 N . -1.99 4.00 -46.99
O4 SO4 N . -4.03 4.43 -45.76
#